data_7V69
#
_entry.id   7V69
#
_cell.length_a   1.00
_cell.length_b   1.00
_cell.length_c   1.00
_cell.angle_alpha   90.00
_cell.angle_beta   90.00
_cell.angle_gamma   90.00
#
_symmetry.space_group_name_H-M   'P 1'
#
loop_
_entity.id
_entity.type
_entity.pdbx_description
1 polymer 'Guanine nucleotide-binding protein G(i) subunit alpha-1'
2 polymer 'Guanine nucleotide-binding protein G(I)/G(S)/G(T) subunit beta-1'
3 polymer 'Guanine nucleotide-binding protein G(I)/G(S)/G(O) subunit gamma-2'
4 polymer scFv16
5 polymer 'Muscarinic acetylcholine receptor M4'
#
loop_
_entity_poly.entity_id
_entity_poly.type
_entity_poly.pdbx_seq_one_letter_code
_entity_poly.pdbx_strand_id
1 'polypeptide(L)'
;GSMGCTLSAEDKAAVERSKMIDRNLREDGEKAAREVKLLLLGAGESGKSTIVKQMKIIHEAGYSEEECKQYKAVVYSNTI
QSIIAIIRAMGRLKIDFGDSARADDARQLFVLAGAAEEGFMTAELAGVIKRLWKDSGVQACFNRSREYQLNDSAAYYLND
LDRIAQPNYIPTQQDVLRTRVKTTGIVETHFTFKDLHFKMFDVGGQRSERKKWIHCFEGVTAIIFCVALSDYDLVLAEDE
EMNRMHESMKLFDSICNNKWFTDTSIILFLNKKDLFEEKIKKSPLTICYPEYAGSNTYEEAAAYIQCQFEDLNKRKDTKE
IYTHFTCATDTKNVQFVFDAVTDVIIKNNLKDCGLF
;
A
2 'polypeptide(L)'
;SELDQLRQEAEQLKNQIRDARKACADATLSQITNNIDPVGRIQMRTRRTLRGHLAKIYAMHWGTDSRLLVSASQDGKLII
WDSYTTNKVHAIPLRSSWVMTCAYAPSGNYVACGGLDNICSIYNLKTREGNVRVSRELAGHTGYLSCCRFLDDNQIVTSS
GDTTCALWDIETGQQTTTFTGHTGDVMSLSLAPDTRLFVSGACDASAKLWDVREGMCRQTFTGHESDINAICFFPNGNAF
ATGSDDATCRLFDLRADQELMTYSHDNIICGITSVSFSKSGRLLLAGYDDFNCNVWDALKADRAGVLAGHDNRVSCLGVT
DDGMAVATGSWDSFLKIWN
;
B
3 'polypeptide(L)' MASNNTASIAQARKLVEQLKMEANIDRIKVSKAAADLMAYCEAHAKEDPLLTPVPASENPFREKKFFCAIL C
4 'polypeptide(L)'
;DVQLVESGGGLVQPGGSRKLSCSASGFAFSSFGMHWVRQAPEKGLEWVAYISSGSGTIYYADTVKGRFTISRDDPKNTLF
LQMTSLRSEDTAMYYCVRSIYYYGSSPFDFWGQGTTLTVSSGGGGSGGGGSGGGGSDIVMTQATSSVPVTPGESVSISCR
SSKSLLHSNGNTYLYWFLQRPGQSPQLLIYRMSNLASGVPDRFSGSGSGTAFTLTISRLEAEDVGVYYCMQHLEYPLTFG
AGTKLELKAAAHHHHHHHH
;
S
5 'polypeptide(L)'
;MANFTPVNGSSGNQSVRLVTSSSHNRYETVEMVFIATVTGSLSLVTVVGNILVMLSIKVNRQLQTVNNYFLFSLACADLI
IGAFSMNLYTVYIIKGYWPLGAVVCDLWLALDYVVSNASVMNLLIISFDRYFCVTKPLTYPARRTTKMAGLMIAAAWVLS
FVLWAPAILFWQFVVGKRTVPDNQCFIQFLSNPAVTFGTAIAAFYLPVVIMTVLYIHISLASRSRVHKHRPEGPKEKKAV
ARKFASIARNQVRKKRQMAARERKVTRTIFAILLAFILTWTPYNVMVLVNTFCQSCIPDTVWSIGYWLCYVNSTINPACY
ALCNATFKKTFRHLLLCQYRNIGTAR
;
R
#
# COMPACT_ATOMS: atom_id res chain seq x y z
N CYS A 5 -18.12 9.45 -21.07
CA CYS A 5 -16.94 8.87 -20.44
C CYS A 5 -15.94 9.96 -20.04
N THR A 6 -15.83 10.98 -20.90
CA THR A 6 -14.93 12.12 -20.67
C THR A 6 -13.49 11.67 -20.47
N LEU A 7 -13.11 10.56 -21.10
CA LEU A 7 -11.76 10.01 -20.99
C LEU A 7 -11.23 9.70 -22.38
N SER A 8 -9.93 9.87 -22.55
CA SER A 8 -9.30 9.68 -23.86
C SER A 8 -9.05 8.20 -24.11
N ALA A 9 -8.68 7.89 -25.36
CA ALA A 9 -8.36 6.51 -25.72
C ALA A 9 -7.13 6.02 -24.98
N GLU A 10 -6.09 6.86 -24.85
CA GLU A 10 -4.95 6.49 -24.03
C GLU A 10 -5.31 6.45 -22.55
N ASP A 11 -6.24 7.30 -22.11
CA ASP A 11 -6.60 7.34 -20.70
C ASP A 11 -7.34 6.06 -20.28
N LYS A 12 -8.23 5.56 -21.13
CA LYS A 12 -8.90 4.30 -20.82
C LYS A 12 -7.90 3.14 -20.76
N ALA A 13 -6.94 3.11 -21.68
CA ALA A 13 -5.92 2.08 -21.63
C ALA A 13 -5.01 2.23 -20.42
N ALA A 14 -4.75 3.46 -19.98
CA ALA A 14 -3.99 3.67 -18.75
C ALA A 14 -4.75 3.18 -17.53
N VAL A 15 -6.07 3.41 -17.49
CA VAL A 15 -6.89 2.86 -16.42
C VAL A 15 -6.88 1.33 -16.46
N GLU A 16 -6.92 0.76 -17.66
CA GLU A 16 -6.80 -0.70 -17.83
C GLU A 16 -5.47 -1.21 -17.29
N ARG A 17 -4.37 -0.52 -17.62
CA ARG A 17 -3.07 -0.91 -17.12
C ARG A 17 -3.01 -0.82 -15.61
N SER A 18 -3.56 0.26 -15.05
CA SER A 18 -3.57 0.42 -13.60
C SER A 18 -4.39 -0.67 -12.92
N LYS A 19 -5.54 -1.00 -13.50
CA LYS A 19 -6.38 -2.05 -12.94
C LYS A 19 -5.72 -3.42 -12.96
N MET A 20 -5.02 -3.80 -14.04
CA MET A 20 -4.35 -5.09 -14.01
C MET A 20 -3.08 -5.06 -13.17
N ILE A 21 -2.44 -3.89 -13.02
CA ILE A 21 -1.39 -3.81 -12.02
C ILE A 21 -1.96 -4.03 -10.62
N ASP A 22 -3.17 -3.52 -10.38
CA ASP A 22 -3.85 -3.80 -9.11
C ASP A 22 -4.09 -5.30 -8.94
N ARG A 23 -4.52 -5.99 -10.01
CA ARG A 23 -4.80 -7.41 -9.89
C ARG A 23 -3.53 -8.21 -9.66
N ASN A 24 -2.46 -7.92 -10.39
CA ASN A 24 -1.19 -8.61 -10.17
C ASN A 24 -0.57 -8.24 -8.82
N LEU A 25 -0.89 -7.07 -8.29
CA LEU A 25 -0.44 -6.67 -6.96
C LEU A 25 -1.18 -7.43 -5.87
N ARG A 26 -2.48 -7.62 -6.06
CA ARG A 26 -3.25 -8.42 -5.11
C ARG A 26 -2.84 -9.89 -5.18
N GLU A 27 -2.60 -10.41 -6.37
CA GLU A 27 -2.19 -11.80 -6.54
C GLU A 27 -0.84 -12.10 -5.89
N ASP A 28 -0.05 -11.07 -5.60
CA ASP A 28 1.18 -11.23 -4.86
C ASP A 28 1.05 -10.89 -3.38
N GLY A 29 0.20 -9.90 -3.05
CA GLY A 29 -0.02 -9.58 -1.65
C GLY A 29 -0.71 -10.70 -0.89
N GLU A 30 -1.72 -11.32 -1.52
CA GLU A 30 -2.38 -12.47 -0.91
C GLU A 30 -1.43 -13.65 -0.77
N LYS A 31 -0.53 -13.87 -1.74
CA LYS A 31 0.43 -14.95 -1.64
C LYS A 31 1.42 -14.71 -0.52
N ALA A 32 1.94 -13.48 -0.41
CA ALA A 32 2.93 -13.16 0.60
C ALA A 32 2.34 -13.06 2.00
N ALA A 33 1.07 -12.66 2.12
CA ALA A 33 0.46 -12.54 3.44
C ALA A 33 0.29 -13.90 4.11
N ARG A 34 0.10 -14.96 3.32
CA ARG A 34 -0.03 -16.29 3.87
C ARG A 34 1.31 -16.87 4.33
N GLU A 35 2.42 -16.35 3.82
CA GLU A 35 3.72 -16.78 4.30
C GLU A 35 3.97 -16.24 5.71
N VAL A 36 4.68 -17.03 6.51
CA VAL A 36 4.96 -16.71 7.90
C VAL A 36 6.32 -16.04 7.99
N LYS A 37 6.37 -14.90 8.68
CA LYS A 37 7.61 -14.17 8.91
C LYS A 37 8.08 -14.47 10.33
N LEU A 38 9.32 -14.93 10.47
CA LEU A 38 9.88 -15.30 11.76
C LEU A 38 11.22 -14.59 11.93
N LEU A 39 11.22 -13.49 12.68
CA LEU A 39 12.45 -12.75 12.96
C LEU A 39 13.37 -13.55 13.87
N LEU A 40 14.65 -13.65 13.51
CA LEU A 40 15.62 -14.38 14.30
C LEU A 40 16.64 -13.41 14.88
N LEU A 41 16.61 -13.22 16.19
CA LEU A 41 17.56 -12.37 16.88
C LEU A 41 18.25 -13.13 18.00
N GLY A 42 19.26 -12.51 18.60
CA GLY A 42 20.04 -13.16 19.63
C GLY A 42 21.30 -12.35 19.91
N ALA A 43 22.23 -13.01 20.59
CA ALA A 43 23.49 -12.41 20.95
C ALA A 43 24.55 -12.75 19.90
N GLY A 44 25.69 -12.06 19.99
CA GLY A 44 26.79 -12.32 19.08
C GLY A 44 27.37 -13.70 19.32
N GLU A 45 27.48 -14.50 18.27
CA GLU A 45 27.99 -15.87 18.35
C GLU A 45 27.21 -16.70 19.37
N SER A 46 25.89 -16.53 19.35
CA SER A 46 24.99 -17.22 20.27
C SER A 46 24.36 -18.46 19.64
N GLY A 47 25.09 -19.16 18.77
CA GLY A 47 24.57 -20.37 18.18
C GLY A 47 23.57 -20.18 17.07
N LYS A 48 23.57 -19.01 16.42
CA LYS A 48 22.68 -18.80 15.29
C LYS A 48 23.10 -19.60 14.07
N SER A 49 24.40 -19.87 13.89
CA SER A 49 24.86 -20.58 12.71
C SER A 49 24.33 -22.02 12.68
N THR A 50 24.43 -22.72 13.81
CA THR A 50 23.99 -24.12 13.83
C THR A 50 22.48 -24.23 13.62
N ILE A 51 21.71 -23.24 14.09
CA ILE A 51 20.26 -23.31 13.92
C ILE A 51 19.81 -22.86 12.54
N VAL A 52 20.50 -21.88 11.92
CA VAL A 52 20.17 -21.56 10.54
C VAL A 52 20.64 -22.65 9.58
N LYS A 53 21.61 -23.46 9.99
CA LYS A 53 21.97 -24.64 9.22
C LYS A 53 21.09 -25.84 9.50
N GLN A 54 20.46 -25.89 10.68
CA GLN A 54 19.63 -27.04 11.03
C GLN A 54 18.32 -27.05 10.24
N MET A 55 17.65 -25.90 10.17
CA MET A 55 16.36 -25.80 9.46
C MET A 55 16.63 -25.40 8.01
N LYS A 56 17.23 -26.33 7.26
CA LYS A 56 17.49 -26.17 5.83
C LYS A 56 18.27 -24.89 5.53
N THR A 184 27.02 -8.09 6.47
CA THR A 184 26.56 -7.33 5.32
C THR A 184 25.24 -6.62 5.64
N GLY A 185 24.14 -7.35 5.50
CA GLY A 185 22.83 -6.80 5.76
C GLY A 185 21.91 -7.81 6.42
N ILE A 186 20.72 -7.98 5.87
CA ILE A 186 19.74 -8.95 6.38
C ILE A 186 19.80 -10.17 5.48
N VAL A 187 19.99 -11.34 6.08
CA VAL A 187 20.04 -12.60 5.35
C VAL A 187 18.82 -13.41 5.75
N GLU A 188 17.98 -13.74 4.77
CA GLU A 188 16.77 -14.49 5.04
C GLU A 188 16.97 -15.96 4.71
N THR A 189 15.96 -16.76 5.04
CA THR A 189 15.93 -18.18 4.73
C THR A 189 14.49 -18.60 4.52
N HIS A 190 14.27 -19.56 3.62
CA HIS A 190 12.93 -20.05 3.28
C HIS A 190 12.92 -21.56 3.47
N PHE A 191 12.62 -22.00 4.69
CA PHE A 191 12.50 -23.41 5.01
C PHE A 191 11.04 -23.77 5.26
N THR A 192 10.59 -24.85 4.65
CA THR A 192 9.20 -25.27 4.70
C THR A 192 9.07 -26.56 5.48
N PHE A 193 8.16 -26.55 6.45
CA PHE A 193 7.88 -27.75 7.24
C PHE A 193 6.37 -27.94 7.29
N LYS A 194 5.93 -29.17 7.00
CA LYS A 194 4.52 -29.53 6.98
C LYS A 194 3.72 -28.59 6.07
N ASP A 195 4.29 -28.29 4.90
CA ASP A 195 3.63 -27.50 3.85
C ASP A 195 3.21 -26.12 4.36
N LEU A 196 4.21 -25.34 4.76
CA LEU A 196 4.00 -23.95 5.11
C LEU A 196 5.32 -23.20 4.92
N HIS A 197 5.28 -22.10 4.17
CA HIS A 197 6.49 -21.40 3.74
C HIS A 197 6.88 -20.40 4.80
N PHE A 198 8.05 -20.61 5.41
CA PHE A 198 8.53 -19.75 6.49
C PHE A 198 9.55 -18.73 5.98
N LYS A 199 9.84 -17.75 6.81
CA LYS A 199 10.86 -16.74 6.55
C LYS A 199 11.63 -16.47 7.83
N MET A 200 12.95 -16.63 7.79
CA MET A 200 13.81 -16.39 8.93
C MET A 200 14.74 -15.23 8.60
N PHE A 201 14.44 -14.05 9.14
CA PHE A 201 15.22 -12.84 8.88
C PHE A 201 16.31 -12.74 9.95
N ASP A 202 17.54 -13.07 9.56
CA ASP A 202 18.67 -12.94 10.47
C ASP A 202 19.29 -11.54 10.37
N VAL A 203 18.64 -10.56 11.00
CA VAL A 203 19.12 -9.18 10.95
C VAL A 203 20.10 -8.88 12.07
N GLY A 204 20.45 -9.86 12.90
CA GLY A 204 21.37 -9.65 13.99
C GLY A 204 22.80 -9.36 13.56
N GLY A 205 23.15 -9.66 12.32
CA GLY A 205 24.48 -9.35 11.81
C GLY A 205 24.53 -8.00 11.14
N GLN A 206 23.90 -7.00 11.76
CA GLN A 206 23.80 -5.66 11.20
C GLN A 206 24.79 -4.68 11.81
N ARG A 207 24.97 -4.73 13.13
CA ARG A 207 25.90 -3.87 13.87
C ARG A 207 25.55 -2.39 13.66
N SER A 208 24.34 -2.04 14.11
CA SER A 208 23.85 -0.67 14.07
C SER A 208 22.98 -0.44 15.30
N GLU A 209 22.30 0.69 15.34
CA GLU A 209 21.37 0.98 16.43
C GLU A 209 20.09 0.19 16.19
N ARG A 210 19.80 -0.75 17.08
CA ARG A 210 18.68 -1.66 16.91
C ARG A 210 17.33 -0.95 16.92
N LYS A 211 17.24 0.22 17.57
CA LYS A 211 15.97 0.89 17.76
C LYS A 211 15.54 1.73 16.57
N LYS A 212 16.39 1.86 15.54
CA LYS A 212 16.07 2.68 14.39
C LYS A 212 15.64 1.88 13.16
N TRP A 213 15.73 0.55 13.23
CA TRP A 213 15.21 -0.31 12.18
C TRP A 213 14.32 -1.42 12.71
N ILE A 214 14.09 -1.47 14.04
CA ILE A 214 13.21 -2.48 14.61
C ILE A 214 11.75 -2.24 14.30
N HIS A 215 11.38 -1.01 13.92
CA HIS A 215 10.01 -0.74 13.51
C HIS A 215 9.70 -1.27 12.12
N CYS A 216 10.72 -1.67 11.36
CA CYS A 216 10.56 -2.30 10.06
C CYS A 216 10.00 -3.71 10.17
N PHE A 217 9.91 -4.27 11.38
CA PHE A 217 9.46 -5.64 11.57
C PHE A 217 8.11 -5.67 12.26
N GLU A 218 7.22 -4.75 11.88
CA GLU A 218 5.83 -4.82 12.31
C GLU A 218 5.15 -6.01 11.65
N GLY A 219 4.28 -6.67 12.41
CA GLY A 219 3.51 -7.76 11.86
C GLY A 219 4.25 -9.08 11.73
N VAL A 220 5.49 -9.14 12.19
CA VAL A 220 6.22 -10.41 12.17
C VAL A 220 5.53 -11.39 13.10
N THR A 221 5.36 -12.63 12.62
CA THR A 221 4.58 -13.61 13.35
C THR A 221 5.17 -13.90 14.73
N ALA A 222 6.50 -14.08 14.79
CA ALA A 222 7.19 -14.35 16.04
C ALA A 222 8.64 -13.91 15.92
N ILE A 223 9.30 -13.80 17.06
CA ILE A 223 10.72 -13.43 17.13
C ILE A 223 11.46 -14.60 17.77
N ILE A 224 12.26 -15.30 16.98
CA ILE A 224 13.02 -16.45 17.48
C ILE A 224 14.27 -15.92 18.16
N PHE A 225 14.23 -15.87 19.49
CA PHE A 225 15.36 -15.37 20.26
C PHE A 225 16.14 -16.54 20.85
N CYS A 226 17.47 -16.45 20.76
CA CYS A 226 18.35 -17.57 21.11
C CYS A 226 19.34 -17.10 22.16
N VAL A 227 19.44 -17.84 23.26
CA VAL A 227 20.34 -17.52 24.36
C VAL A 227 21.31 -18.68 24.53
N ALA A 228 22.60 -18.37 24.60
CA ALA A 228 23.59 -19.39 24.89
C ALA A 228 23.58 -19.72 26.38
N LEU A 229 23.07 -20.91 26.71
CA LEU A 229 22.92 -21.30 28.10
C LEU A 229 24.28 -21.40 28.80
N SER A 230 25.25 -21.99 28.12
CA SER A 230 26.53 -22.33 28.73
C SER A 230 27.46 -21.13 28.90
N ASP A 231 27.09 -19.97 28.37
CA ASP A 231 27.96 -18.78 28.42
C ASP A 231 27.68 -17.94 29.66
N TYR A 232 27.70 -18.56 30.84
CA TYR A 232 27.52 -17.80 32.08
C TYR A 232 28.85 -17.49 32.77
N ASP A 233 29.81 -18.40 32.73
CA ASP A 233 31.14 -18.14 33.29
C ASP A 233 32.07 -17.49 32.27
N LEU A 234 31.52 -16.83 31.27
CA LEU A 234 32.31 -16.22 30.22
C LEU A 234 32.15 -14.70 30.23
N MET A 242 33.83 -10.03 31.55
CA MET A 242 32.49 -9.44 31.59
C MET A 242 31.43 -10.43 31.11
N ASN A 243 30.58 -10.85 32.02
CA ASN A 243 29.50 -11.78 31.68
C ASN A 243 28.51 -11.11 30.74
N ARG A 244 27.95 -11.88 29.82
CA ARG A 244 27.15 -11.33 28.74
C ARG A 244 25.69 -11.79 28.77
N MET A 245 25.33 -12.74 29.63
CA MET A 245 23.91 -13.08 29.73
C MET A 245 23.11 -11.95 30.35
N HIS A 246 23.75 -11.13 31.19
CA HIS A 246 23.08 -9.92 31.66
C HIS A 246 22.80 -8.94 30.51
N GLU A 247 23.75 -8.78 29.59
CA GLU A 247 23.51 -7.95 28.42
C GLU A 247 22.40 -8.55 27.55
N SER A 248 22.39 -9.87 27.38
CA SER A 248 21.33 -10.50 26.59
C SER A 248 19.98 -10.35 27.27
N MET A 249 19.95 -10.41 28.61
CA MET A 249 18.72 -10.16 29.36
C MET A 249 18.23 -8.73 29.16
N LYS A 250 19.16 -7.77 29.17
CA LYS A 250 18.80 -6.39 28.88
C LYS A 250 18.26 -6.24 27.46
N LEU A 251 18.83 -6.98 26.51
CA LEU A 251 18.29 -7.00 25.16
C LEU A 251 16.88 -7.58 25.12
N PHE A 252 16.66 -8.66 25.87
CA PHE A 252 15.34 -9.31 25.88
C PHE A 252 14.28 -8.40 26.49
N ASP A 253 14.60 -7.74 27.60
CA ASP A 253 13.60 -6.87 28.22
C ASP A 253 13.41 -5.57 27.45
N SER A 254 14.32 -5.26 26.53
CA SER A 254 14.12 -4.11 25.65
C SER A 254 13.38 -4.47 24.38
N ILE A 255 13.42 -5.76 23.99
CA ILE A 255 12.71 -6.17 22.79
C ILE A 255 11.29 -6.61 23.10
N CYS A 256 11.08 -7.32 24.22
CA CYS A 256 9.75 -7.78 24.57
C CYS A 256 8.83 -6.65 25.04
N ASN A 257 9.38 -5.59 25.61
CA ASN A 257 8.58 -4.45 26.06
C ASN A 257 8.62 -3.29 25.07
N ASN A 258 9.12 -3.54 23.87
CA ASN A 258 9.12 -2.51 22.83
C ASN A 258 7.70 -2.22 22.38
N LYS A 259 7.47 -0.96 21.97
CA LYS A 259 6.14 -0.56 21.56
C LYS A 259 5.70 -1.23 20.26
N TRP A 260 6.64 -1.62 19.40
CA TRP A 260 6.32 -2.27 18.14
C TRP A 260 6.06 -3.76 18.28
N PHE A 261 6.53 -4.38 19.36
CA PHE A 261 6.42 -5.83 19.51
C PHE A 261 5.48 -6.19 20.65
N THR A 262 4.38 -5.45 20.79
CA THR A 262 3.44 -5.71 21.88
C THR A 262 2.66 -7.00 21.62
N ASP A 263 2.16 -7.18 20.40
CA ASP A 263 1.33 -8.34 20.09
C ASP A 263 2.15 -9.53 19.59
N THR A 264 3.39 -9.32 19.20
CA THR A 264 4.22 -10.39 18.65
C THR A 264 4.76 -11.26 19.76
N SER A 265 4.57 -12.57 19.63
CA SER A 265 5.09 -13.52 20.60
C SER A 265 6.58 -13.73 20.34
N ILE A 266 7.28 -14.32 21.31
CA ILE A 266 8.71 -14.57 21.20
C ILE A 266 8.93 -16.08 21.37
N ILE A 267 9.49 -16.72 20.36
CA ILE A 267 9.84 -18.14 20.45
C ILE A 267 11.24 -18.19 21.05
N LEU A 268 11.27 -18.19 22.38
CA LEU A 268 12.55 -18.12 23.09
C LEU A 268 13.26 -19.46 23.03
N PHE A 269 14.47 -19.47 22.47
CA PHE A 269 15.29 -20.66 22.39
C PHE A 269 16.39 -20.61 23.44
N LEU A 270 16.75 -21.79 23.93
CA LEU A 270 17.82 -21.95 24.91
C LEU A 270 18.68 -23.12 24.47
N ASN A 271 19.78 -22.82 23.79
CA ASN A 271 20.61 -23.82 23.13
C ASN A 271 21.85 -24.15 23.96
N LYS A 272 22.67 -25.03 23.40
CA LYS A 272 23.91 -25.51 24.03
C LYS A 272 23.63 -26.08 25.41
N LYS A 273 22.53 -26.84 25.50
CA LYS A 273 22.18 -27.51 26.75
C LYS A 273 23.18 -28.60 27.11
N ASP A 274 23.82 -29.23 26.13
CA ASP A 274 24.85 -30.21 26.43
C ASP A 274 26.04 -29.57 27.13
N LEU A 275 26.50 -28.42 26.64
CA LEU A 275 27.56 -27.68 27.32
C LEU A 275 27.11 -27.15 28.67
N PHE A 276 25.86 -26.69 28.76
CA PHE A 276 25.34 -26.18 30.03
C PHE A 276 25.32 -27.26 31.10
N GLU A 277 24.92 -28.48 30.74
CA GLU A 277 24.89 -29.57 31.72
C GLU A 277 26.26 -29.82 32.33
N GLU A 278 27.29 -29.93 31.49
CA GLU A 278 28.66 -30.13 31.97
C GLU A 278 29.15 -28.92 32.77
N LYS A 279 28.84 -27.71 32.32
CA LYS A 279 29.30 -26.52 33.02
C LYS A 279 28.66 -26.39 34.40
N ILE A 280 27.41 -26.84 34.54
CA ILE A 280 26.77 -26.81 35.86
C ILE A 280 27.50 -27.74 36.83
N LYS A 281 27.89 -28.93 36.38
CA LYS A 281 28.62 -29.85 37.24
C LYS A 281 30.03 -29.36 37.51
N LYS A 282 30.62 -28.63 36.56
CA LYS A 282 31.99 -28.13 36.73
C LYS A 282 32.05 -26.93 37.68
N SER A 283 31.39 -25.83 37.30
CA SER A 283 31.39 -24.59 38.06
C SER A 283 29.97 -24.18 38.41
N PRO A 284 29.72 -23.82 39.67
CA PRO A 284 28.36 -23.45 40.09
C PRO A 284 27.86 -22.23 39.32
N LEU A 285 26.54 -22.22 39.07
CA LEU A 285 25.90 -21.18 38.27
C LEU A 285 25.61 -19.92 39.07
N THR A 286 25.58 -20.02 40.41
CA THR A 286 25.16 -18.92 41.26
C THR A 286 26.06 -17.69 41.17
N ILE A 287 27.14 -17.73 40.39
CA ILE A 287 28.00 -16.56 40.24
C ILE A 287 27.25 -15.44 39.52
N CYS A 288 26.54 -15.77 38.45
CA CYS A 288 25.84 -14.74 37.67
C CYS A 288 24.67 -14.16 38.45
N TYR A 289 23.86 -15.00 39.08
CA TYR A 289 22.64 -14.55 39.73
C TYR A 289 22.81 -14.56 41.24
N PRO A 290 23.01 -13.41 41.89
CA PRO A 290 22.95 -13.39 43.36
C PRO A 290 21.57 -13.70 43.89
N GLU A 291 20.53 -13.51 43.08
CA GLU A 291 19.17 -13.85 43.50
C GLU A 291 18.94 -15.36 43.53
N TYR A 292 19.69 -16.12 42.76
CA TYR A 292 19.54 -17.58 42.75
C TYR A 292 19.93 -18.15 44.11
N ALA A 293 19.12 -19.09 44.60
CA ALA A 293 19.42 -19.76 45.86
C ALA A 293 19.13 -21.26 45.84
N GLY A 294 18.89 -21.84 44.68
CA GLY A 294 18.53 -23.25 44.60
C GLY A 294 19.73 -24.17 44.72
N SER A 295 19.46 -25.45 44.52
CA SER A 295 20.49 -26.47 44.64
C SER A 295 21.17 -26.72 43.29
N ASN A 296 22.02 -27.74 43.27
CA ASN A 296 22.78 -28.11 42.07
C ASN A 296 22.09 -29.18 41.24
N THR A 297 20.88 -28.89 40.78
CA THR A 297 20.15 -29.79 39.89
C THR A 297 20.02 -29.17 38.51
N TYR A 298 20.25 -30.00 37.49
CA TYR A 298 20.21 -29.50 36.11
C TYR A 298 18.84 -29.00 35.74
N GLU A 299 17.80 -29.82 35.95
CA GLU A 299 16.45 -29.42 35.60
C GLU A 299 15.95 -28.27 36.48
N GLU A 300 16.43 -28.19 37.72
CA GLU A 300 16.07 -27.06 38.58
C GLU A 300 16.66 -25.76 38.05
N ALA A 301 17.96 -25.77 37.73
CA ALA A 301 18.61 -24.55 37.25
C ALA A 301 18.07 -24.12 35.89
N ALA A 302 17.81 -25.08 35.00
CA ALA A 302 17.26 -24.75 33.70
C ALA A 302 15.89 -24.10 33.84
N ALA A 303 15.02 -24.67 34.68
CA ALA A 303 13.72 -24.06 34.92
C ALA A 303 13.83 -22.71 35.60
N TYR A 304 14.80 -22.56 36.50
CA TYR A 304 15.01 -21.28 37.17
C TYR A 304 15.34 -20.19 36.16
N ILE A 305 16.32 -20.43 35.30
CA ILE A 305 16.66 -19.42 34.31
C ILE A 305 15.56 -19.26 33.27
N GLN A 306 14.81 -20.32 32.98
CA GLN A 306 13.67 -20.22 32.08
C GLN A 306 12.63 -19.23 32.61
N CYS A 307 12.21 -19.41 33.87
CA CYS A 307 11.24 -18.49 34.45
C CYS A 307 11.83 -17.11 34.69
N GLN A 308 13.15 -17.02 34.92
CA GLN A 308 13.79 -15.72 35.04
C GLN A 308 13.67 -14.93 33.74
N PHE A 309 13.90 -15.60 32.60
CA PHE A 309 13.73 -14.94 31.32
C PHE A 309 12.26 -14.67 31.03
N GLU A 310 11.37 -15.58 31.43
CA GLU A 310 9.95 -15.40 31.17
C GLU A 310 9.34 -14.24 31.95
N ASP A 311 9.82 -13.99 33.17
CA ASP A 311 9.29 -12.94 34.03
C ASP A 311 9.85 -11.57 33.71
N LEU A 312 10.40 -11.38 32.51
CA LEU A 312 11.02 -10.11 32.14
C LEU A 312 10.09 -9.18 31.39
N ASN A 313 8.83 -9.56 31.19
CA ASN A 313 7.91 -8.75 30.41
C ASN A 313 6.87 -8.05 31.28
N LYS A 314 6.66 -6.76 31.00
CA LYS A 314 5.61 -6.01 31.69
C LYS A 314 4.26 -6.20 31.03
N ARG A 315 4.22 -6.76 29.82
CA ARG A 315 2.98 -7.09 29.12
C ARG A 315 2.72 -8.58 29.33
N LYS A 316 2.18 -8.92 30.50
CA LYS A 316 2.00 -10.31 30.88
C LYS A 316 0.87 -11.01 30.14
N ASP A 317 0.04 -10.26 29.42
CA ASP A 317 -1.14 -10.83 28.78
C ASP A 317 -1.15 -10.70 27.27
N THR A 318 -0.59 -9.63 26.72
CA THR A 318 -0.66 -9.38 25.28
C THR A 318 0.23 -10.30 24.46
N LYS A 319 1.12 -11.07 25.09
CA LYS A 319 2.02 -11.94 24.35
C LYS A 319 2.35 -13.16 25.18
N GLU A 320 2.83 -14.19 24.51
CA GLU A 320 3.26 -15.43 25.13
C GLU A 320 4.69 -15.75 24.71
N ILE A 321 5.40 -16.47 25.58
CA ILE A 321 6.79 -16.83 25.35
C ILE A 321 6.85 -18.36 25.33
N TYR A 322 7.28 -18.92 24.20
CA TYR A 322 7.37 -20.37 24.03
C TYR A 322 8.82 -20.80 24.19
N THR A 323 9.18 -21.18 25.41
CA THR A 323 10.54 -21.60 25.70
C THR A 323 10.78 -23.03 25.21
N HIS A 324 12.05 -23.32 24.92
CA HIS A 324 12.46 -24.64 24.49
C HIS A 324 13.94 -24.82 24.79
N PHE A 325 14.34 -26.07 25.02
CA PHE A 325 15.73 -26.44 25.19
C PHE A 325 16.17 -27.25 23.98
N THR A 326 17.31 -26.88 23.40
CA THR A 326 17.76 -27.52 22.17
C THR A 326 19.28 -27.66 22.19
N CYS A 327 19.77 -28.57 21.36
CA CYS A 327 21.20 -28.78 21.19
C CYS A 327 21.45 -29.16 19.74
N ALA A 328 22.71 -29.45 19.40
CA ALA A 328 23.05 -29.85 18.04
C ALA A 328 22.39 -31.17 17.66
N THR A 329 22.38 -32.14 18.57
CA THR A 329 21.78 -33.45 18.29
C THR A 329 20.29 -33.44 18.62
N ASP A 330 19.56 -32.58 17.90
CA ASP A 330 18.12 -32.43 18.10
C ASP A 330 17.50 -32.09 16.74
N THR A 331 16.62 -32.97 16.27
CA THR A 331 15.85 -32.75 15.06
C THR A 331 14.45 -32.20 15.32
N LYS A 332 14.12 -31.93 16.58
CA LYS A 332 12.78 -31.51 16.97
C LYS A 332 12.58 -30.00 16.96
N ASN A 333 13.62 -29.23 16.63
CA ASN A 333 13.50 -27.78 16.65
C ASN A 333 12.48 -27.28 15.63
N VAL A 334 12.52 -27.81 14.41
CA VAL A 334 11.59 -27.35 13.37
C VAL A 334 10.17 -27.77 13.70
N GLN A 335 10.00 -28.97 14.27
CA GLN A 335 8.67 -29.40 14.69
C GLN A 335 8.13 -28.50 15.79
N PHE A 336 8.99 -28.13 16.75
CA PHE A 336 8.55 -27.24 17.82
C PHE A 336 8.18 -25.87 17.30
N VAL A 337 8.98 -25.32 16.38
CA VAL A 337 8.66 -23.99 15.88
C VAL A 337 7.41 -24.01 15.03
N PHE A 338 7.15 -25.12 14.32
CA PHE A 338 5.88 -25.24 13.59
C PHE A 338 4.71 -25.35 14.56
N ASP A 339 4.87 -26.10 15.65
CA ASP A 339 3.82 -26.18 16.66
C ASP A 339 3.53 -24.81 17.26
N ALA A 340 4.57 -24.03 17.54
CA ALA A 340 4.41 -22.69 18.07
C ALA A 340 3.76 -21.73 17.07
N VAL A 341 4.14 -21.81 15.78
CA VAL A 341 3.54 -20.90 14.81
C VAL A 341 2.09 -21.26 14.55
N THR A 342 1.71 -22.54 14.61
CA THR A 342 0.29 -22.88 14.52
C THR A 342 -0.48 -22.30 15.71
N ASP A 343 0.06 -22.42 16.91
CA ASP A 343 -0.57 -21.89 18.11
C ASP A 343 -0.66 -20.37 18.09
N VAL A 344 0.27 -19.67 17.44
CA VAL A 344 0.20 -18.22 17.37
C VAL A 344 -0.66 -17.73 16.21
N ILE A 345 -0.73 -18.45 15.08
CA ILE A 345 -1.68 -18.06 14.05
C ILE A 345 -3.11 -18.35 14.47
N ILE A 346 -3.33 -19.33 15.36
CA ILE A 346 -4.66 -19.49 15.94
C ILE A 346 -5.07 -18.22 16.68
N LYS A 347 -4.19 -17.68 17.53
CA LYS A 347 -4.49 -16.41 18.18
C LYS A 347 -4.61 -15.27 17.18
N ASN A 348 -3.80 -15.29 16.11
CA ASN A 348 -3.85 -14.21 15.12
C ASN A 348 -5.19 -14.16 14.42
N ASN A 349 -5.69 -15.30 13.93
CA ASN A 349 -6.97 -15.26 13.23
C ASN A 349 -8.14 -15.12 14.19
N LEU A 350 -8.02 -15.59 15.44
CA LEU A 350 -9.03 -15.25 16.43
C LEU A 350 -9.10 -13.75 16.68
N LYS A 351 -7.95 -13.07 16.71
CA LYS A 351 -7.95 -11.61 16.83
C LYS A 351 -8.46 -10.92 15.58
N ASP A 352 -8.18 -11.47 14.39
CA ASP A 352 -8.65 -10.85 13.16
C ASP A 352 -10.16 -10.81 13.09
N CYS A 353 -10.82 -11.90 13.51
CA CYS A 353 -12.28 -11.92 13.59
C CYS A 353 -12.80 -11.17 14.81
N GLY A 354 -11.91 -10.69 15.68
CA GLY A 354 -12.31 -9.96 16.87
C GLY A 354 -12.99 -10.80 17.92
N LEU A 355 -12.54 -12.05 18.08
CA LEU A 355 -13.05 -12.87 19.16
C LEU A 355 -12.42 -12.48 20.50
N PHE A 356 -11.16 -12.05 20.47
CA PHE A 356 -10.49 -11.58 21.69
C PHE A 356 -10.85 -10.12 21.97
N GLU B 2 49.66 12.39 22.78
CA GLU B 2 48.89 12.07 23.98
C GLU B 2 47.42 12.40 23.79
N LEU B 3 46.55 11.56 24.36
CA LEU B 3 45.11 11.79 24.25
C LEU B 3 44.68 13.06 24.98
N ASP B 4 45.29 13.33 26.14
CA ASP B 4 44.99 14.54 26.89
C ASP B 4 45.57 15.79 26.24
N GLN B 5 46.62 15.63 25.42
CA GLN B 5 47.19 16.77 24.72
C GLN B 5 46.39 17.15 23.49
N LEU B 6 45.38 16.36 23.13
CA LEU B 6 44.53 16.64 21.98
C LEU B 6 43.07 16.84 22.33
N ARG B 7 42.55 16.13 23.34
CA ARG B 7 41.18 16.37 23.75
C ARG B 7 40.99 17.75 24.37
N GLN B 8 42.00 18.24 25.10
CA GLN B 8 41.93 19.60 25.62
C GLN B 8 41.91 20.62 24.48
N GLU B 9 42.73 20.40 23.45
CA GLU B 9 42.72 21.29 22.29
C GLU B 9 41.37 21.24 21.58
N ALA B 10 40.78 20.05 21.46
CA ALA B 10 39.48 19.93 20.83
C ALA B 10 38.40 20.66 21.61
N GLU B 11 38.41 20.53 22.94
CA GLU B 11 37.45 21.24 23.78
C GLU B 11 37.63 22.74 23.66
N GLN B 12 38.88 23.22 23.68
CA GLN B 12 39.13 24.64 23.53
C GLN B 12 38.67 25.16 22.17
N LEU B 13 38.91 24.40 21.11
CA LEU B 13 38.51 24.85 19.78
C LEU B 13 36.99 24.83 19.62
N LYS B 14 36.32 23.86 20.25
CA LYS B 14 34.86 23.88 20.24
C LYS B 14 34.31 25.06 21.04
N ASN B 15 34.96 25.42 22.15
CA ASN B 15 34.57 26.63 22.88
C ASN B 15 34.76 27.86 22.02
N GLN B 16 35.87 27.93 21.27
CA GLN B 16 36.07 29.03 20.34
C GLN B 16 34.99 29.06 19.26
N ILE B 17 34.57 27.87 18.79
CA ILE B 17 33.49 27.80 17.82
C ILE B 17 32.21 28.42 18.39
N ARG B 18 31.86 28.02 19.62
CA ARG B 18 30.66 28.56 20.23
C ARG B 18 30.77 30.07 20.47
N ASP B 19 31.95 30.54 20.88
CA ASP B 19 32.14 31.98 21.07
C ASP B 19 31.99 32.74 19.76
N ALA B 20 32.56 32.21 18.68
CA ALA B 20 32.43 32.85 17.37
C ALA B 20 30.99 32.86 16.90
N ARG B 21 30.25 31.77 17.16
CA ARG B 21 28.82 31.77 16.88
C ARG B 21 28.09 32.86 17.67
N LYS B 22 28.34 32.91 18.98
CA LYS B 22 27.64 33.89 19.82
C LYS B 22 27.97 35.32 19.43
N ALA B 23 29.18 35.55 18.89
CA ALA B 23 29.56 36.91 18.50
C ALA B 23 28.78 37.39 17.29
N CYS B 24 28.42 36.49 16.37
CA CYS B 24 27.77 36.86 15.12
C CYS B 24 26.25 36.87 15.21
N ALA B 25 25.68 36.50 16.36
CA ALA B 25 24.23 36.45 16.52
C ALA B 25 23.73 37.85 16.88
N ASP B 26 23.32 38.60 15.85
CA ASP B 26 22.84 39.96 16.08
C ASP B 26 21.46 39.94 16.73
N ALA B 27 20.47 39.42 16.03
CA ALA B 27 19.11 39.30 16.56
C ALA B 27 18.49 38.00 16.06
N THR B 28 17.75 37.33 16.93
CA THR B 28 17.07 36.09 16.55
C THR B 28 16.06 36.37 15.46
N LEU B 29 15.89 35.38 14.56
CA LEU B 29 15.00 35.56 13.42
C LEU B 29 13.56 35.82 13.89
N SER B 30 13.23 35.36 15.09
CA SER B 30 11.95 35.70 15.70
C SER B 30 11.83 37.20 15.98
N GLN B 31 12.94 37.86 16.33
CA GLN B 31 12.90 39.30 16.49
C GLN B 31 12.97 40.01 15.14
N ILE B 32 13.62 39.39 14.16
CA ILE B 32 13.73 40.01 12.84
C ILE B 32 12.38 40.00 12.12
N THR B 33 11.66 38.89 12.19
CA THR B 33 10.29 38.82 11.65
C THR B 33 9.31 39.46 12.64
N ASN B 34 9.34 40.78 12.69
CA ASN B 34 8.51 41.56 13.59
C ASN B 34 7.52 42.42 12.80
N ASN B 35 6.30 42.49 13.31
CA ASN B 35 5.22 43.26 12.69
C ASN B 35 5.03 42.84 11.24
N ILE B 36 5.00 41.53 11.02
CA ILE B 36 4.91 40.94 9.69
C ILE B 36 3.54 40.33 9.50
N ASP B 37 3.00 40.46 8.29
CA ASP B 37 1.69 39.93 7.99
C ASP B 37 1.64 38.42 8.24
N PRO B 38 0.68 37.95 9.02
CA PRO B 38 0.57 36.52 9.31
C PRO B 38 0.03 35.75 8.12
N VAL B 39 0.42 34.48 8.03
CA VAL B 39 -0.09 33.59 7.01
C VAL B 39 -1.54 33.23 7.24
N GLY B 40 -1.93 33.02 8.50
CA GLY B 40 -3.26 32.58 8.83
C GLY B 40 -3.43 31.08 8.66
N ARG B 41 -4.57 30.58 9.10
CA ARG B 41 -4.87 29.16 8.99
C ARG B 41 -4.92 28.76 7.53
N ILE B 42 -4.26 27.65 7.20
CA ILE B 42 -4.15 27.17 5.82
C ILE B 42 -5.04 25.94 5.68
N GLN B 43 -6.04 26.04 4.81
CA GLN B 43 -6.94 24.92 4.58
C GLN B 43 -6.31 23.96 3.57
N MET B 44 -6.29 22.68 3.92
CA MET B 44 -5.60 21.64 3.14
C MET B 44 -6.52 20.44 3.01
N ARG B 45 -7.05 20.23 1.81
CA ARG B 45 -7.95 19.11 1.55
C ARG B 45 -7.25 18.07 0.69
N THR B 46 -7.50 16.80 1.00
CA THR B 46 -6.95 15.71 0.19
C THR B 46 -7.62 15.70 -1.18
N ARG B 47 -6.80 15.60 -2.22
CA ARG B 47 -7.28 15.54 -3.60
C ARG B 47 -7.27 14.14 -4.15
N ARG B 48 -6.19 13.39 -3.95
CA ARG B 48 -6.09 12.01 -4.36
C ARG B 48 -5.69 11.13 -3.18
N THR B 49 -6.12 9.88 -3.23
CA THR B 49 -5.72 8.87 -2.25
C THR B 49 -5.25 7.65 -3.01
N LEU B 50 -4.03 7.22 -2.75
CA LEU B 50 -3.40 6.12 -3.48
C LEU B 50 -3.58 4.84 -2.68
N ARG B 51 -4.53 4.00 -3.11
CA ARG B 51 -4.95 2.82 -2.38
C ARG B 51 -4.35 1.54 -2.97
N GLY B 52 -3.11 1.62 -3.48
CA GLY B 52 -2.49 0.45 -4.09
C GLY B 52 -1.77 -0.46 -3.11
N HIS B 53 -0.92 0.13 -2.27
CA HIS B 53 -0.04 -0.63 -1.41
C HIS B 53 -0.82 -1.50 -0.42
N LEU B 54 -0.10 -2.43 0.21
CA LEU B 54 -0.70 -3.35 1.18
C LEU B 54 0.16 -3.50 2.43
N ALA B 55 1.04 -2.54 2.71
CA ALA B 55 1.94 -2.64 3.85
C ALA B 55 2.37 -1.22 4.25
N LYS B 56 3.39 -1.13 5.08
CA LYS B 56 3.83 0.15 5.62
C LYS B 56 4.69 0.89 4.59
N ILE B 57 4.32 2.14 4.32
CA ILE B 57 5.05 2.96 3.35
C ILE B 57 6.13 3.73 4.09
N TYR B 58 7.39 3.56 3.65
CA TYR B 58 8.52 4.14 4.36
C TYR B 58 9.20 5.29 3.62
N ALA B 59 8.96 5.46 2.32
CA ALA B 59 9.65 6.50 1.58
C ALA B 59 8.82 6.92 0.37
N MET B 60 9.17 8.07 -0.18
CA MET B 60 8.44 8.67 -1.29
C MET B 60 9.30 9.76 -1.91
N HIS B 61 9.15 10.00 -3.21
CA HIS B 61 9.84 11.09 -3.87
C HIS B 61 9.05 11.53 -5.09
N TRP B 62 8.81 12.84 -5.19
CA TRP B 62 8.20 13.40 -6.40
C TRP B 62 9.22 13.44 -7.53
N GLY B 63 8.72 13.70 -8.74
CA GLY B 63 9.57 13.91 -9.90
C GLY B 63 9.90 15.38 -10.09
N THR B 64 10.38 15.70 -11.28
CA THR B 64 10.69 17.08 -11.65
C THR B 64 9.60 17.73 -12.49
N ASP B 65 8.66 16.95 -13.01
CA ASP B 65 7.51 17.51 -13.71
C ASP B 65 6.30 17.68 -12.80
N SER B 66 6.43 17.34 -11.52
CA SER B 66 5.33 17.43 -10.55
C SER B 66 4.11 16.63 -11.02
N ARG B 67 4.34 15.49 -11.65
CA ARG B 67 3.28 14.72 -12.27
C ARG B 67 3.25 13.29 -11.78
N LEU B 68 4.41 12.70 -11.51
CA LEU B 68 4.51 11.30 -11.11
C LEU B 68 5.03 11.20 -9.68
N LEU B 69 4.83 10.01 -9.09
CA LEU B 69 5.27 9.73 -7.75
C LEU B 69 6.07 8.43 -7.72
N VAL B 70 6.62 8.11 -6.55
CA VAL B 70 7.27 6.82 -6.31
C VAL B 70 7.09 6.50 -4.83
N SER B 71 6.78 5.25 -4.52
CA SER B 71 6.54 4.84 -3.14
C SER B 71 7.25 3.53 -2.81
N ALA B 72 7.68 3.40 -1.56
CA ALA B 72 8.35 2.20 -1.07
C ALA B 72 7.52 1.64 0.10
N SER B 73 6.72 0.62 -0.19
CA SER B 73 5.97 -0.04 0.87
C SER B 73 6.79 -1.18 1.45
N GLN B 74 6.32 -1.70 2.58
CA GLN B 74 7.01 -2.78 3.28
C GLN B 74 6.91 -4.10 2.55
N ASP B 75 6.01 -4.23 1.58
CA ASP B 75 5.98 -5.41 0.73
C ASP B 75 7.11 -5.29 -0.30
N GLY B 76 7.30 -6.35 -1.09
CA GLY B 76 8.35 -6.32 -2.08
C GLY B 76 8.02 -5.57 -3.35
N LYS B 77 7.24 -4.51 -3.26
CA LYS B 77 6.78 -3.74 -4.41
C LYS B 77 7.21 -2.29 -4.30
N LEU B 78 7.12 -1.58 -5.43
CA LEU B 78 7.48 -0.17 -5.51
C LEU B 78 6.65 0.43 -6.65
N ILE B 79 5.66 1.23 -6.28
CA ILE B 79 4.68 1.75 -7.24
C ILE B 79 5.08 3.15 -7.67
N ILE B 80 5.15 3.36 -8.98
CA ILE B 80 5.38 4.68 -9.56
C ILE B 80 4.00 5.27 -9.86
N TRP B 81 3.48 6.05 -8.91
CA TRP B 81 2.12 6.56 -8.99
C TRP B 81 2.00 7.69 -9.99
N ASP B 82 0.74 8.04 -10.29
CA ASP B 82 0.41 9.22 -11.07
C ASP B 82 -0.37 10.18 -10.18
N SER B 83 -0.14 11.48 -10.37
CA SER B 83 -0.65 12.46 -9.43
C SER B 83 -1.94 13.16 -9.84
N TYR B 84 -2.05 13.69 -11.06
CA TYR B 84 -3.28 14.38 -11.44
C TYR B 84 -4.44 13.40 -11.53
N THR B 85 -4.20 12.25 -12.15
CA THR B 85 -5.14 11.14 -12.12
C THR B 85 -4.67 10.14 -11.06
N THR B 86 -5.34 9.00 -10.96
CA THR B 86 -4.97 7.96 -10.00
C THR B 86 -4.77 6.65 -10.74
N ASN B 87 -3.55 6.45 -11.24
CA ASN B 87 -3.17 5.21 -11.90
C ASN B 87 -1.75 4.84 -11.48
N LYS B 88 -1.28 3.69 -11.98
CA LYS B 88 0.06 3.18 -11.67
C LYS B 88 0.84 3.06 -12.97
N VAL B 89 1.90 3.86 -13.09
CA VAL B 89 2.73 3.79 -14.29
C VAL B 89 3.55 2.51 -14.31
N HIS B 90 4.11 2.12 -13.17
CA HIS B 90 4.90 0.89 -13.07
C HIS B 90 4.81 0.32 -11.66
N ALA B 91 5.02 -0.98 -11.56
CA ALA B 91 5.15 -1.68 -10.28
C ALA B 91 6.43 -2.51 -10.34
N ILE B 92 7.29 -2.34 -9.33
CA ILE B 92 8.61 -2.95 -9.33
C ILE B 92 8.60 -4.08 -8.30
N PRO B 93 8.68 -5.34 -8.71
CA PRO B 93 8.89 -6.44 -7.75
C PRO B 93 10.30 -6.37 -7.18
N LEU B 94 10.39 -6.09 -5.89
CA LEU B 94 11.68 -5.82 -5.27
C LEU B 94 12.38 -7.11 -4.87
N ARG B 95 13.70 -7.03 -4.77
CA ARG B 95 14.53 -8.15 -4.33
C ARG B 95 14.62 -8.24 -2.82
N SER B 96 14.16 -7.23 -2.10
CA SER B 96 14.19 -7.23 -0.63
C SER B 96 13.00 -6.44 -0.12
N SER B 97 12.12 -7.10 0.63
CA SER B 97 10.92 -6.45 1.13
C SER B 97 11.23 -5.31 2.09
N TRP B 98 12.42 -5.28 2.68
CA TRP B 98 12.80 -4.20 3.58
C TRP B 98 13.41 -3.06 2.79
N VAL B 99 12.59 -2.03 2.52
CA VAL B 99 13.01 -0.87 1.75
C VAL B 99 12.61 0.39 2.51
N MET B 100 13.53 1.35 2.59
CA MET B 100 13.27 2.62 3.26
C MET B 100 13.58 3.83 2.40
N THR B 101 13.89 3.66 1.12
CA THR B 101 14.39 4.74 0.28
C THR B 101 13.66 4.80 -1.05
N CYS B 102 13.54 6.02 -1.59
CA CYS B 102 13.13 6.24 -2.96
C CYS B 102 13.90 7.43 -3.51
N ALA B 103 14.03 7.46 -4.84
CA ALA B 103 14.64 8.60 -5.51
C ALA B 103 14.18 8.59 -6.96
N TYR B 104 13.48 9.63 -7.38
CA TYR B 104 13.05 9.79 -8.76
C TYR B 104 14.10 10.58 -9.52
N ALA B 105 14.43 10.12 -10.73
CA ALA B 105 15.45 10.78 -11.51
C ALA B 105 15.00 12.19 -11.91
N PRO B 106 15.92 13.15 -11.94
CA PRO B 106 15.58 14.47 -12.48
C PRO B 106 15.10 14.41 -13.92
N SER B 107 15.59 13.46 -14.72
CA SER B 107 15.10 13.23 -16.06
C SER B 107 14.06 12.12 -16.12
N GLY B 108 13.74 11.51 -14.97
CA GLY B 108 12.70 10.49 -14.90
C GLY B 108 13.09 9.15 -15.47
N ASN B 109 14.36 8.92 -15.77
CA ASN B 109 14.81 7.68 -16.38
C ASN B 109 15.25 6.63 -15.38
N TYR B 110 15.33 6.96 -14.09
CA TYR B 110 15.88 6.03 -13.11
C TYR B 110 15.17 6.20 -11.78
N VAL B 111 15.09 5.12 -11.01
CA VAL B 111 14.57 5.14 -9.65
C VAL B 111 15.53 4.35 -8.77
N ALA B 112 15.91 4.94 -7.63
CA ALA B 112 16.78 4.30 -6.66
C ALA B 112 15.91 3.57 -5.63
N CYS B 113 16.47 2.51 -5.05
CA CYS B 113 15.72 1.69 -4.09
C CYS B 113 16.71 0.95 -3.21
N GLY B 114 16.73 1.30 -1.92
CA GLY B 114 17.56 0.60 -0.97
C GLY B 114 16.87 0.53 0.38
N GLY B 115 17.34 -0.41 1.19
CA GLY B 115 16.76 -0.65 2.50
C GLY B 115 17.77 -1.26 3.45
N LEU B 116 17.31 -2.26 4.21
CA LEU B 116 18.13 -2.94 5.20
C LEU B 116 19.16 -3.86 4.58
N ASP B 117 19.14 -4.05 3.27
CA ASP B 117 20.04 -4.98 2.59
C ASP B 117 21.40 -4.37 2.28
N ASN B 118 21.61 -3.10 2.65
CA ASN B 118 22.84 -2.37 2.39
C ASN B 118 23.16 -2.28 0.90
N ILE B 119 22.17 -2.45 0.04
CA ILE B 119 22.34 -2.44 -1.40
C ILE B 119 21.40 -1.42 -1.99
N CYS B 120 21.92 -0.53 -2.82
CA CYS B 120 21.13 0.48 -3.52
C CYS B 120 20.84 -0.02 -4.93
N SER B 121 19.60 -0.43 -5.17
CA SER B 121 19.19 -0.91 -6.48
C SER B 121 18.59 0.24 -7.28
N ILE B 122 19.17 0.52 -8.44
CA ILE B 122 18.74 1.61 -9.31
C ILE B 122 18.01 1.01 -10.50
N TYR B 123 16.78 1.46 -10.71
CA TYR B 123 15.87 0.85 -11.67
C TYR B 123 15.71 1.74 -12.90
N ASN B 124 15.95 1.16 -14.07
CA ASN B 124 15.80 1.88 -15.33
C ASN B 124 14.34 1.85 -15.77
N LEU B 125 13.83 3.02 -16.16
CA LEU B 125 12.40 3.17 -16.45
C LEU B 125 12.12 3.28 -17.94
N LYS B 126 12.70 4.25 -18.64
CA LYS B 126 12.41 4.48 -20.05
C LYS B 126 13.32 3.59 -20.89
N THR B 127 12.95 2.31 -20.96
CA THR B 127 13.75 1.28 -21.61
C THR B 127 12.96 0.66 -22.75
N ARG B 128 13.67 0.37 -23.85
CA ARG B 128 13.12 -0.52 -24.85
C ARG B 128 12.96 -1.91 -24.25
N GLU B 129 12.05 -2.70 -24.83
CA GLU B 129 11.58 -3.94 -24.22
C GLU B 129 10.96 -3.64 -22.86
N GLY B 130 9.83 -2.93 -22.92
CA GLY B 130 9.24 -2.29 -21.75
C GLY B 130 9.12 -3.15 -20.52
N ASN B 131 9.94 -2.82 -19.53
CA ASN B 131 10.05 -3.49 -18.25
C ASN B 131 11.07 -2.71 -17.44
N VAL B 132 10.94 -2.78 -16.13
CA VAL B 132 11.84 -2.05 -15.23
C VAL B 132 12.84 -3.06 -14.69
N ARG B 133 14.11 -2.88 -15.04
CA ARG B 133 15.18 -3.79 -14.64
C ARG B 133 16.23 -3.02 -13.86
N VAL B 134 17.00 -3.77 -13.07
CA VAL B 134 18.06 -3.19 -12.26
C VAL B 134 19.18 -2.67 -13.17
N SER B 135 19.41 -1.36 -13.13
CA SER B 135 20.55 -0.81 -13.85
C SER B 135 21.86 -1.16 -13.15
N ARG B 136 21.91 -1.01 -11.83
CA ARG B 136 23.09 -1.37 -11.06
C ARG B 136 22.66 -1.64 -9.62
N GLU B 137 23.34 -2.61 -9.00
CA GLU B 137 23.13 -2.95 -7.59
C GLU B 137 24.33 -2.44 -6.82
N LEU B 138 24.19 -1.25 -6.23
CA LEU B 138 25.31 -0.61 -5.55
C LEU B 138 25.68 -1.37 -4.29
N ALA B 139 26.96 -1.69 -4.15
CA ALA B 139 27.47 -2.40 -2.99
C ALA B 139 28.72 -1.71 -2.49
N GLY B 140 28.92 -1.77 -1.18
CA GLY B 140 30.07 -1.14 -0.56
C GLY B 140 29.74 -0.52 0.78
N HIS B 141 28.47 -0.55 1.17
CA HIS B 141 28.03 -0.09 2.47
C HIS B 141 28.02 -1.24 3.47
N THR B 142 28.19 -0.90 4.73
CA THR B 142 28.20 -1.88 5.81
C THR B 142 26.93 -1.90 6.65
N GLY B 143 26.17 -0.80 6.68
CA GLY B 143 24.91 -0.75 7.35
C GLY B 143 23.74 -0.55 6.39
N TYR B 144 22.56 -0.43 6.97
CA TYR B 144 21.36 -0.20 6.16
C TYR B 144 21.40 1.19 5.54
N LEU B 145 20.93 1.29 4.30
CA LEU B 145 20.92 2.55 3.57
C LEU B 145 19.63 3.28 3.91
N SER B 146 19.74 4.53 4.33
CA SER B 146 18.59 5.24 4.90
C SER B 146 17.88 6.14 3.91
N CYS B 147 18.61 6.77 2.99
CA CYS B 147 17.98 7.66 2.02
C CYS B 147 18.85 7.80 0.79
N CYS B 148 18.22 8.00 -0.36
CA CYS B 148 18.89 8.15 -1.65
C CYS B 148 18.57 9.51 -2.25
N ARG B 149 19.54 10.04 -3.00
CA ARG B 149 19.38 11.31 -3.71
C ARG B 149 19.99 11.17 -5.10
N PHE B 150 19.56 12.03 -6.02
CA PHE B 150 20.08 12.03 -7.38
C PHE B 150 20.66 13.39 -7.72
N LEU B 151 21.97 13.44 -7.98
CA LEU B 151 22.55 14.61 -8.61
C LEU B 151 22.17 14.67 -10.08
N ASP B 152 22.38 13.58 -10.80
CA ASP B 152 21.96 13.42 -12.19
C ASP B 152 21.73 11.94 -12.45
N ASP B 153 21.64 11.58 -13.72
CA ASP B 153 21.50 10.19 -14.12
C ASP B 153 22.80 9.40 -13.98
N ASN B 154 23.91 10.08 -13.75
CA ASN B 154 25.22 9.44 -13.67
C ASN B 154 25.73 9.37 -12.23
N GLN B 155 25.12 10.09 -11.30
CA GLN B 155 25.58 10.12 -9.92
C GLN B 155 24.41 9.90 -8.96
N ILE B 156 24.73 9.42 -7.76
CA ILE B 156 23.77 9.18 -6.69
C ILE B 156 24.48 9.38 -5.37
N VAL B 157 23.82 10.06 -4.44
CA VAL B 157 24.35 10.26 -3.09
C VAL B 157 23.49 9.46 -2.12
N THR B 158 24.15 8.64 -1.31
CA THR B 158 23.47 7.72 -0.41
C THR B 158 23.94 7.97 1.02
N SER B 159 22.98 7.90 1.95
CA SER B 159 23.26 7.98 3.38
C SER B 159 22.80 6.68 4.01
N SER B 160 23.67 6.05 4.78
CA SER B 160 23.42 4.72 5.30
C SER B 160 23.59 4.68 6.82
N GLY B 161 23.28 3.52 7.38
CA GLY B 161 23.37 3.37 8.83
C GLY B 161 24.79 3.54 9.34
N ASP B 162 25.77 3.06 8.57
CA ASP B 162 27.16 3.25 8.96
C ASP B 162 27.51 4.75 9.00
N THR B 163 28.50 5.08 9.82
CA THR B 163 28.81 6.47 10.11
C THR B 163 29.58 7.09 8.96
N THR B 164 28.94 7.11 7.79
CA THR B 164 29.53 7.68 6.59
C THR B 164 28.46 7.87 5.53
N CYS B 165 28.70 8.81 4.63
CA CYS B 165 27.90 8.99 3.43
C CYS B 165 28.74 8.70 2.19
N ALA B 166 28.10 8.22 1.14
CA ALA B 166 28.81 7.77 -0.04
C ALA B 166 28.23 8.42 -1.29
N LEU B 167 29.12 8.96 -2.12
CA LEU B 167 28.75 9.44 -3.44
C LEU B 167 29.19 8.43 -4.48
N TRP B 168 28.23 7.84 -5.18
CA TRP B 168 28.47 6.70 -6.04
C TRP B 168 28.63 7.16 -7.50
N ASP B 169 29.00 6.22 -8.35
CA ASP B 169 29.05 6.42 -9.80
C ASP B 169 28.24 5.31 -10.45
N ILE B 170 27.70 5.60 -11.64
CA ILE B 170 26.87 4.62 -12.32
C ILE B 170 27.63 3.85 -13.40
N GLU B 171 28.55 4.49 -14.12
CA GLU B 171 29.34 3.79 -15.11
C GLU B 171 30.13 2.65 -14.47
N THR B 172 30.76 2.92 -13.34
CA THR B 172 31.30 1.89 -12.45
C THR B 172 30.59 2.00 -11.11
N GLY B 173 30.09 0.87 -10.62
CA GLY B 173 29.22 0.88 -9.46
C GLY B 173 29.89 1.14 -8.13
N GLN B 174 31.13 1.62 -8.16
CA GLN B 174 31.87 1.89 -6.94
C GLN B 174 31.73 3.35 -6.52
N GLN B 175 32.11 3.62 -5.27
CA GLN B 175 32.12 4.97 -4.76
C GLN B 175 33.24 5.79 -5.41
N THR B 176 33.06 7.11 -5.43
CA THR B 176 34.10 8.03 -5.80
C THR B 176 34.56 8.92 -4.67
N THR B 177 33.67 9.27 -3.73
CA THR B 177 34.02 9.95 -2.51
C THR B 177 33.30 9.26 -1.35
N THR B 178 33.91 9.35 -0.17
CA THR B 178 33.35 8.71 1.03
C THR B 178 33.34 9.74 2.15
N PHE B 179 32.14 10.20 2.52
CA PHE B 179 31.98 11.22 3.56
C PHE B 179 31.96 10.59 4.95
N THR B 180 33.13 10.12 5.38
CA THR B 180 33.28 9.47 6.67
C THR B 180 33.68 10.50 7.72
N GLY B 181 32.68 11.18 8.28
CA GLY B 181 32.92 12.16 9.31
C GLY B 181 31.88 12.18 10.41
N HIS B 182 30.88 11.31 10.33
CA HIS B 182 29.82 11.24 11.32
C HIS B 182 30.11 10.16 12.36
N THR B 183 29.35 10.24 13.45
CA THR B 183 29.24 9.16 14.43
C THR B 183 27.76 8.89 14.66
N GLY B 184 27.40 7.63 14.79
CA GLY B 184 25.98 7.32 14.87
C GLY B 184 25.36 7.15 13.49
N ASP B 185 24.16 6.58 13.47
CA ASP B 185 23.49 6.25 12.22
C ASP B 185 23.06 7.52 11.50
N VAL B 186 23.38 7.62 10.21
CA VAL B 186 22.91 8.72 9.39
C VAL B 186 21.54 8.36 8.82
N MET B 187 20.57 9.25 9.00
CA MET B 187 19.18 8.92 8.69
C MET B 187 18.64 9.62 7.46
N SER B 188 19.00 10.88 7.21
CA SER B 188 18.38 11.64 6.13
C SER B 188 19.37 12.63 5.54
N LEU B 189 19.06 13.07 4.33
CA LEU B 189 19.83 14.09 3.63
C LEU B 189 18.97 14.71 2.54
N SER B 190 19.42 15.86 2.04
CA SER B 190 18.73 16.55 0.95
C SER B 190 19.73 17.35 0.15
N LEU B 191 19.68 17.23 -1.17
CA LEU B 191 20.59 17.94 -2.05
C LEU B 191 20.20 19.40 -2.18
N ALA B 192 21.07 20.20 -2.77
CA ALA B 192 20.90 21.63 -2.95
C ALA B 192 20.37 21.94 -4.34
N PRO B 193 19.79 23.12 -4.55
CA PRO B 193 19.36 23.50 -5.91
C PRO B 193 20.48 23.49 -6.92
N ASP B 194 21.69 23.89 -6.54
CA ASP B 194 22.85 23.82 -7.43
C ASP B 194 23.53 22.46 -7.39
N THR B 195 23.06 21.55 -6.54
CA THR B 195 23.57 20.18 -6.46
C THR B 195 25.08 20.12 -6.21
N ARG B 196 25.59 21.04 -5.39
CA ARG B 196 27.00 21.01 -5.03
C ARG B 196 27.23 20.66 -3.56
N LEU B 197 26.23 20.85 -2.71
CA LEU B 197 26.36 20.61 -1.27
C LEU B 197 25.12 19.86 -0.80
N PHE B 198 25.31 18.98 0.19
CA PHE B 198 24.21 18.33 0.89
C PHE B 198 24.58 18.18 2.36
N VAL B 199 23.57 18.13 3.22
CA VAL B 199 23.76 17.93 4.65
C VAL B 199 23.14 16.60 5.04
N SER B 200 23.87 15.81 5.82
CA SER B 200 23.39 14.53 6.28
C SER B 200 23.16 14.59 7.78
N GLY B 201 22.07 13.96 8.22
CA GLY B 201 21.71 13.99 9.61
C GLY B 201 21.89 12.67 10.31
N ALA B 202 22.72 12.65 11.34
CA ALA B 202 23.07 11.42 12.03
C ALA B 202 22.22 11.26 13.30
N CYS B 203 22.47 10.21 14.06
CA CYS B 203 21.80 10.01 15.33
C CYS B 203 22.55 10.63 16.50
N ASP B 204 23.71 11.24 16.26
CA ASP B 204 24.44 11.98 17.27
C ASP B 204 23.97 13.44 17.34
N ALA B 205 22.78 13.73 16.81
CA ALA B 205 22.14 15.04 16.89
C ALA B 205 22.98 16.13 16.25
N SER B 206 23.70 15.83 15.17
CA SER B 206 24.52 16.81 14.48
C SER B 206 24.30 16.67 12.98
N ALA B 207 24.13 17.81 12.30
CA ALA B 207 24.03 17.84 10.85
C ALA B 207 25.32 18.43 10.28
N LYS B 208 25.90 17.76 9.29
CA LYS B 208 27.17 18.16 8.72
C LYS B 208 26.97 18.54 7.25
N LEU B 209 27.48 19.70 6.87
CA LEU B 209 27.35 20.18 5.50
C LEU B 209 28.51 19.63 4.68
N TRP B 210 28.21 18.69 3.80
CA TRP B 210 29.23 18.07 2.96
C TRP B 210 29.38 18.81 1.65
N ASP B 211 30.57 18.71 1.07
CA ASP B 211 30.88 19.30 -0.22
C ASP B 211 31.07 18.18 -1.22
N VAL B 212 30.19 18.11 -2.22
CA VAL B 212 30.20 16.98 -3.14
C VAL B 212 31.48 16.96 -3.97
N ARG B 213 31.89 18.11 -4.50
CA ARG B 213 33.07 18.16 -5.36
C ARG B 213 34.34 17.83 -4.59
N GLU B 214 34.55 18.50 -3.46
CA GLU B 214 35.75 18.28 -2.67
C GLU B 214 35.70 16.97 -1.89
N GLY B 215 34.52 16.54 -1.47
CA GLY B 215 34.42 15.33 -0.66
C GLY B 215 34.81 15.51 0.78
N MET B 216 34.79 16.75 1.28
CA MET B 216 35.17 17.02 2.66
C MET B 216 34.11 17.88 3.31
N CYS B 217 33.92 17.68 4.62
CA CYS B 217 32.91 18.41 5.36
C CYS B 217 33.33 19.86 5.57
N ARG B 218 32.36 20.75 5.48
CA ARG B 218 32.60 22.18 5.66
C ARG B 218 32.13 22.68 7.01
N GLN B 219 30.90 22.37 7.41
CA GLN B 219 30.34 22.84 8.68
C GLN B 219 29.62 21.70 9.38
N THR B 220 29.57 21.78 10.70
CA THR B 220 28.79 20.86 11.53
C THR B 220 27.80 21.67 12.36
N PHE B 221 26.57 21.17 12.47
CA PHE B 221 25.49 21.90 13.14
C PHE B 221 25.07 21.12 14.38
N THR B 222 25.67 21.46 15.52
CA THR B 222 25.29 20.88 16.79
C THR B 222 24.21 21.74 17.44
N GLY B 223 23.90 21.48 18.70
CA GLY B 223 22.88 22.21 19.42
C GLY B 223 21.49 21.62 19.37
N HIS B 224 21.35 20.39 18.89
CA HIS B 224 20.07 19.73 18.80
C HIS B 224 20.07 18.52 19.72
N GLU B 225 18.90 18.14 20.22
CA GLU B 225 18.84 17.23 21.37
C GLU B 225 19.02 15.77 20.96
N SER B 226 18.08 15.22 20.20
CA SER B 226 18.08 13.79 19.96
C SER B 226 18.47 13.47 18.52
N ASP B 227 18.38 12.19 18.18
CA ASP B 227 18.65 11.75 16.82
C ASP B 227 17.66 12.39 15.84
N ILE B 228 18.18 12.78 14.67
CA ILE B 228 17.40 13.52 13.70
C ILE B 228 17.13 12.64 12.48
N ASN B 229 15.90 12.72 11.99
CA ASN B 229 15.43 11.81 10.96
C ASN B 229 15.02 12.47 9.64
N ALA B 230 14.99 13.79 9.56
CA ALA B 230 14.49 14.47 8.36
C ALA B 230 15.22 15.78 8.14
N ILE B 231 15.56 16.06 6.89
CA ILE B 231 16.22 17.30 6.49
C ILE B 231 15.73 17.72 5.11
N CYS B 232 15.34 18.98 4.97
CA CYS B 232 15.04 19.57 3.68
C CYS B 232 15.59 20.99 3.63
N PHE B 233 16.15 21.36 2.47
CA PHE B 233 16.71 22.69 2.29
C PHE B 233 15.64 23.76 2.08
N PHE B 234 15.99 24.98 2.45
CA PHE B 234 15.29 26.14 1.93
C PHE B 234 15.45 26.16 0.41
N PRO B 235 14.40 26.55 -0.33
CA PRO B 235 14.53 26.60 -1.80
C PRO B 235 15.65 27.51 -2.27
N ASN B 236 16.00 28.53 -1.49
CA ASN B 236 17.17 29.36 -1.79
C ASN B 236 18.45 28.55 -1.68
N GLY B 237 18.48 27.51 -0.86
CA GLY B 237 19.69 26.76 -0.63
C GLY B 237 20.64 27.38 0.36
N ASN B 238 20.15 28.26 1.23
CA ASN B 238 20.97 28.94 2.23
C ASN B 238 20.54 28.54 3.64
N ALA B 239 19.63 27.59 3.76
CA ALA B 239 19.12 27.16 5.05
C ALA B 239 18.56 25.75 4.90
N PHE B 240 18.41 25.05 6.03
CA PHE B 240 17.82 23.73 6.01
C PHE B 240 17.14 23.44 7.34
N ALA B 241 16.01 22.74 7.27
CA ALA B 241 15.34 22.31 8.48
C ALA B 241 15.83 20.93 8.90
N THR B 242 15.56 20.58 10.17
CA THR B 242 15.90 19.27 10.68
C THR B 242 14.71 18.74 11.47
N GLY B 243 14.62 17.42 11.57
CA GLY B 243 13.54 16.78 12.30
C GLY B 243 14.03 15.63 13.15
N SER B 244 13.76 15.68 14.46
CA SER B 244 14.29 14.73 15.41
C SER B 244 13.16 14.00 16.11
N ASP B 245 13.55 13.10 17.01
CA ASP B 245 12.61 12.42 17.90
C ASP B 245 12.36 13.21 19.18
N ASP B 246 12.95 14.39 19.31
CA ASP B 246 12.69 15.31 20.41
C ASP B 246 11.31 15.96 20.26
N ALA B 247 10.68 15.80 19.10
CA ALA B 247 9.45 16.49 18.72
C ALA B 247 9.70 17.98 18.51
N THR B 248 10.85 18.30 17.92
CA THR B 248 11.24 19.67 17.67
C THR B 248 12.01 19.74 16.37
N CYS B 249 11.74 20.79 15.59
CA CYS B 249 12.44 21.06 14.34
C CYS B 249 13.23 22.35 14.48
N ARG B 250 14.35 22.43 13.77
CA ARG B 250 15.21 23.61 13.80
C ARG B 250 15.58 24.02 12.38
N LEU B 251 15.51 25.32 12.10
CA LEU B 251 15.89 25.88 10.81
C LEU B 251 17.25 26.55 10.95
N PHE B 252 18.29 25.87 10.44
CA PHE B 252 19.65 26.39 10.52
C PHE B 252 19.90 27.33 9.33
N ASP B 253 21.14 27.82 9.22
CA ASP B 253 21.57 28.55 8.04
C ASP B 253 22.99 28.13 7.69
N LEU B 254 23.35 28.25 6.42
CA LEU B 254 24.64 27.81 5.93
C LEU B 254 25.66 28.93 5.82
N ARG B 255 25.31 30.16 6.19
CA ARG B 255 26.24 31.27 6.17
C ARG B 255 26.49 31.88 7.53
N ALA B 256 25.68 31.54 8.54
CA ALA B 256 25.96 31.90 9.92
C ALA B 256 26.17 30.69 10.81
N ASP B 257 25.85 29.48 10.33
CA ASP B 257 26.18 28.23 11.01
C ASP B 257 25.40 28.08 12.32
N GLN B 258 24.39 28.91 12.53
CA GLN B 258 23.68 28.97 13.79
C GLN B 258 22.25 28.45 13.65
N GLU B 259 21.49 28.56 14.73
CA GLU B 259 20.06 28.21 14.76
C GLU B 259 19.24 29.48 14.58
N LEU B 260 18.09 29.36 13.88
CA LEU B 260 17.22 30.50 13.67
C LEU B 260 15.86 30.33 14.35
N MET B 261 15.22 29.19 14.14
CA MET B 261 13.99 28.81 14.83
C MET B 261 14.12 27.44 15.47
N THR B 262 13.43 27.29 16.60
CA THR B 262 13.11 25.99 17.16
C THR B 262 11.62 25.78 16.99
N TYR B 263 11.24 24.69 16.33
CA TYR B 263 9.85 24.43 15.98
C TYR B 263 9.31 23.36 16.92
N SER B 264 8.84 23.80 18.09
CA SER B 264 8.35 22.88 19.10
C SER B 264 7.03 23.40 19.65
N HIS B 265 6.23 22.49 20.15
CA HIS B 265 4.96 22.84 20.78
C HIS B 265 4.74 21.90 21.96
N ASP B 266 4.05 22.41 22.97
CA ASP B 266 3.82 21.62 24.18
C ASP B 266 2.98 20.39 23.91
N ASN B 267 1.99 20.48 23.03
CA ASN B 267 1.06 19.39 22.79
C ASN B 267 1.65 18.24 21.97
N ILE B 268 2.84 18.41 21.41
CA ILE B 268 3.45 17.39 20.55
C ILE B 268 4.67 16.82 21.26
N ILE B 269 4.69 15.50 21.42
CA ILE B 269 5.81 14.77 21.99
C ILE B 269 6.40 13.76 21.01
N CYS B 270 5.64 13.41 19.97
CA CYS B 270 6.07 12.42 18.99
C CYS B 270 7.14 13.01 18.09
N GLY B 271 8.12 12.19 17.71
CA GLY B 271 9.23 12.67 16.91
C GLY B 271 8.80 12.96 15.47
N ILE B 272 9.66 13.66 14.74
CA ILE B 272 9.38 13.95 13.33
C ILE B 272 10.02 12.88 12.47
N THR B 273 9.28 12.48 11.42
CA THR B 273 9.78 11.42 10.54
C THR B 273 10.17 11.96 9.17
N SER B 274 9.54 13.05 8.74
CA SER B 274 9.87 13.64 7.45
C SER B 274 9.58 15.14 7.48
N VAL B 275 10.42 15.89 6.77
CA VAL B 275 10.36 17.35 6.70
C VAL B 275 10.51 17.78 5.25
N SER B 276 9.66 18.71 4.81
CA SER B 276 9.71 19.23 3.46
C SER B 276 9.17 20.65 3.42
N PHE B 277 10.02 21.61 3.04
CA PHE B 277 9.56 22.97 2.80
C PHE B 277 8.67 23.02 1.56
N SER B 278 7.71 23.94 1.60
CA SER B 278 6.97 24.32 0.41
C SER B 278 7.75 25.39 -0.35
N LYS B 279 7.33 25.63 -1.59
CA LYS B 279 8.00 26.64 -2.40
C LYS B 279 7.81 28.02 -1.78
N SER B 280 8.75 28.92 -2.12
CA SER B 280 8.88 30.26 -1.56
C SER B 280 9.40 30.18 -0.13
N GLY B 281 9.54 28.97 0.40
CA GLY B 281 10.11 28.76 1.71
C GLY B 281 9.30 29.30 2.87
N ARG B 282 8.06 29.74 2.64
CA ARG B 282 7.25 30.30 3.70
C ARG B 282 6.71 29.23 4.64
N LEU B 283 6.57 28.00 4.16
CA LEU B 283 5.96 26.95 4.94
C LEU B 283 6.99 25.89 5.35
N LEU B 284 6.62 25.10 6.35
CA LEU B 284 7.42 23.98 6.82
C LEU B 284 6.48 22.83 7.12
N LEU B 285 6.45 21.85 6.23
CA LEU B 285 5.68 20.64 6.48
C LEU B 285 6.51 19.66 7.31
N ALA B 286 5.83 18.94 8.19
CA ALA B 286 6.50 17.99 9.07
C ALA B 286 5.66 16.73 9.18
N GLY B 287 6.32 15.59 9.05
CA GLY B 287 5.65 14.31 9.23
C GLY B 287 5.84 13.78 10.63
N TYR B 288 4.83 13.96 11.47
CA TYR B 288 4.91 13.56 12.87
C TYR B 288 4.54 12.08 13.00
N ASP B 289 4.54 11.59 14.24
CA ASP B 289 4.29 10.19 14.53
C ASP B 289 2.91 9.93 15.09
N ASP B 290 2.27 10.95 15.68
CA ASP B 290 0.97 10.77 16.32
C ASP B 290 -0.16 10.77 15.29
N PHE B 291 0.01 9.93 14.28
CA PHE B 291 -0.99 9.71 13.23
C PHE B 291 -1.36 11.00 12.51
N ASN B 292 -0.42 11.95 12.42
CA ASN B 292 -0.77 13.31 12.04
C ASN B 292 0.45 14.01 11.45
N CYS B 293 0.20 15.03 10.64
CA CYS B 293 1.22 15.90 10.08
C CYS B 293 1.05 17.31 10.62
N ASN B 294 1.89 18.23 10.16
CA ASN B 294 1.76 19.64 10.52
C ASN B 294 2.42 20.49 9.45
N VAL B 295 2.00 21.74 9.38
CA VAL B 295 2.58 22.73 8.46
C VAL B 295 2.96 23.95 9.29
N TRP B 296 4.24 24.05 9.63
CA TRP B 296 4.71 25.17 10.43
C TRP B 296 5.06 26.35 9.53
N ASP B 297 4.69 27.54 9.97
CA ASP B 297 5.12 28.75 9.28
C ASP B 297 6.61 28.98 9.54
N ALA B 298 7.31 29.48 8.53
CA ALA B 298 8.76 29.53 8.58
C ALA B 298 9.32 30.78 9.23
N LEU B 299 8.98 31.97 8.71
CA LEU B 299 9.57 33.20 9.23
C LEU B 299 9.17 33.44 10.68
N LYS B 300 7.91 33.16 11.03
CA LYS B 300 7.52 33.12 12.43
C LYS B 300 7.06 31.70 12.77
N ALA B 301 7.56 31.19 13.89
CA ALA B 301 7.38 29.78 14.24
C ALA B 301 5.95 29.45 14.64
N ASP B 302 5.00 30.36 14.49
CA ASP B 302 3.61 30.07 14.78
C ASP B 302 3.10 28.96 13.86
N ARG B 303 2.29 28.06 14.41
CA ARG B 303 1.81 26.92 13.67
C ARG B 303 0.60 27.30 12.81
N ALA B 304 0.62 26.86 11.56
CA ALA B 304 -0.50 27.06 10.64
C ALA B 304 -1.47 25.89 10.80
N GLY B 305 -2.40 25.74 9.86
CA GLY B 305 -3.40 24.69 9.98
C GLY B 305 -2.78 23.30 10.05
N VAL B 306 -3.40 22.45 10.87
CA VAL B 306 -2.94 21.09 11.07
C VAL B 306 -3.27 20.27 9.82
N LEU B 307 -2.60 19.14 9.66
CA LEU B 307 -2.73 18.30 8.46
C LEU B 307 -2.90 16.86 8.92
N ALA B 308 -4.13 16.44 9.16
CA ALA B 308 -4.41 15.12 9.69
C ALA B 308 -5.34 14.37 8.74
N GLY B 309 -4.84 13.32 8.11
CA GLY B 309 -5.67 12.49 7.26
C GLY B 309 -5.39 11.01 7.40
N HIS B 310 -4.37 10.66 8.18
CA HIS B 310 -3.95 9.28 8.32
C HIS B 310 -4.27 8.76 9.72
N ASP B 311 -4.23 7.43 9.84
CA ASP B 311 -4.48 6.75 11.11
C ASP B 311 -3.26 6.00 11.63
N ASN B 312 -2.11 6.17 11.00
CA ASN B 312 -0.88 5.53 11.44
C ASN B 312 0.26 6.53 11.32
N ARG B 313 1.46 6.10 11.69
CA ARG B 313 2.63 6.96 11.63
C ARG B 313 2.87 7.46 10.20
N VAL B 314 3.02 8.78 10.05
CA VAL B 314 3.37 9.35 8.76
C VAL B 314 4.88 9.25 8.61
N SER B 315 5.33 8.47 7.62
CA SER B 315 6.76 8.25 7.44
C SER B 315 7.38 9.33 6.57
N CYS B 316 6.75 9.65 5.45
CA CYS B 316 7.34 10.53 4.46
C CYS B 316 6.30 11.48 3.89
N LEU B 317 6.78 12.66 3.47
CA LEU B 317 5.99 13.60 2.70
C LEU B 317 6.95 14.50 1.94
N GLY B 318 6.42 15.19 0.93
CA GLY B 318 7.26 16.03 0.09
C GLY B 318 6.50 16.92 -0.87
N VAL B 319 6.92 18.18 -0.96
CA VAL B 319 6.28 19.15 -1.84
C VAL B 319 6.80 18.94 -3.27
N THR B 320 5.95 19.22 -4.25
CA THR B 320 6.37 19.14 -5.64
C THR B 320 7.31 20.30 -5.97
N ASP B 321 8.01 20.18 -7.09
CA ASP B 321 9.01 21.16 -7.49
C ASP B 321 8.40 22.49 -7.94
N ASP B 322 7.09 22.54 -8.18
CA ASP B 322 6.42 23.81 -8.46
C ASP B 322 5.67 24.37 -7.27
N GLY B 323 5.54 23.60 -6.20
CA GLY B 323 4.81 24.01 -5.03
C GLY B 323 3.33 23.70 -5.05
N MET B 324 2.87 22.87 -5.99
CA MET B 324 1.44 22.68 -6.18
C MET B 324 0.84 21.77 -5.11
N ALA B 325 1.29 20.52 -5.06
CA ALA B 325 0.71 19.53 -4.17
C ALA B 325 1.72 19.00 -3.17
N VAL B 326 1.21 18.35 -2.13
CA VAL B 326 2.03 17.67 -1.14
C VAL B 326 1.41 16.29 -0.93
N ALA B 327 2.26 15.27 -0.83
CA ALA B 327 1.80 13.89 -0.72
C ALA B 327 2.34 13.30 0.58
N THR B 328 1.43 13.05 1.52
CA THR B 328 1.83 12.45 2.79
C THR B 328 1.67 10.95 2.73
N GLY B 329 2.78 10.23 2.90
CA GLY B 329 2.76 8.78 2.88
C GLY B 329 3.00 8.20 4.26
N SER B 330 1.97 7.62 4.86
CA SER B 330 2.04 7.17 6.23
C SER B 330 2.22 5.65 6.27
N TRP B 331 2.22 5.09 7.48
CA TRP B 331 2.40 3.65 7.64
C TRP B 331 1.18 2.84 7.21
N ASP B 332 0.00 3.45 7.20
CA ASP B 332 -1.10 2.82 6.47
C ASP B 332 -0.81 2.90 4.98
N SER B 333 -1.36 1.94 4.25
CA SER B 333 -0.97 1.71 2.86
C SER B 333 -1.49 2.76 1.90
N PHE B 334 -2.01 3.89 2.39
CA PHE B 334 -2.60 4.92 1.56
C PHE B 334 -1.72 6.16 1.57
N LEU B 335 -1.31 6.60 0.39
CA LEU B 335 -0.79 7.96 0.26
C LEU B 335 -1.94 8.94 0.16
N LYS B 336 -1.64 10.22 0.35
CA LYS B 336 -2.66 11.27 0.31
C LYS B 336 -2.02 12.52 -0.27
N ILE B 337 -2.45 12.90 -1.47
CA ILE B 337 -1.95 14.10 -2.13
C ILE B 337 -2.82 15.27 -1.73
N TRP B 338 -2.31 16.10 -0.83
CA TRP B 338 -3.04 17.27 -0.35
C TRP B 338 -2.79 18.44 -1.29
N ASN B 339 -3.53 19.53 -1.09
CA ASN B 339 -3.38 20.73 -1.90
C ASN B 339 -3.98 21.93 -1.16
N ALA C 7 42.25 6.00 16.67
CA ALA C 7 41.32 5.94 17.79
C ALA C 7 41.53 7.15 18.72
N SER C 8 42.61 7.12 19.50
CA SER C 8 42.93 8.19 20.43
C SER C 8 44.09 9.07 19.98
N ILE C 9 44.93 8.60 19.06
CA ILE C 9 46.08 9.38 18.63
C ILE C 9 45.82 9.95 17.24
N ALA C 10 45.66 9.07 16.25
CA ALA C 10 45.47 9.52 14.87
C ALA C 10 44.08 10.09 14.65
N GLN C 11 43.06 9.43 15.22
CA GLN C 11 41.69 9.92 15.05
C GLN C 11 41.50 11.28 15.71
N ALA C 12 42.13 11.51 16.86
CA ALA C 12 42.04 12.80 17.51
C ALA C 12 42.65 13.91 16.65
N ARG C 13 43.82 13.64 16.07
CA ARG C 13 44.42 14.62 15.16
C ARG C 13 43.55 14.87 13.94
N LYS C 14 42.98 13.80 13.37
CA LYS C 14 42.09 13.97 12.22
C LYS C 14 40.88 14.81 12.57
N LEU C 15 40.29 14.59 13.75
CA LEU C 15 39.14 15.38 14.18
C LEU C 15 39.52 16.84 14.41
N VAL C 16 40.65 17.07 15.09
CA VAL C 16 41.05 18.44 15.41
C VAL C 16 41.38 19.21 14.13
N GLU C 17 42.10 18.59 13.21
CA GLU C 17 42.44 19.28 11.97
C GLU C 17 41.21 19.63 11.15
N GLN C 18 40.28 18.68 11.02
CA GLN C 18 39.04 18.97 10.29
C GLN C 18 38.22 20.05 11.00
N LEU C 19 38.16 20.02 12.32
CA LEU C 19 37.46 21.06 13.07
C LEU C 19 38.12 22.42 12.90
N LYS C 20 39.43 22.47 12.64
CA LYS C 20 40.08 23.74 12.36
C LYS C 20 39.50 24.40 11.13
N MET C 21 39.40 23.67 10.02
CA MET C 21 38.80 24.24 8.81
C MET C 21 37.29 24.44 8.98
N GLU C 22 36.63 23.62 9.79
CA GLU C 22 35.21 23.83 10.03
C GLU C 22 34.94 25.03 10.92
N ALA C 23 35.95 25.51 11.65
CA ALA C 23 35.83 26.71 12.46
C ALA C 23 36.40 27.95 11.81
N ASN C 24 37.26 27.82 10.81
CA ASN C 24 37.84 28.98 10.14
C ASN C 24 36.94 29.54 9.05
N ILE C 25 35.77 28.93 8.81
CA ILE C 25 34.84 29.46 7.82
C ILE C 25 34.27 30.78 8.32
N ASP C 26 34.31 31.81 7.47
CA ASP C 26 33.80 33.12 7.85
C ASP C 26 32.29 33.08 7.95
N ARG C 27 31.76 33.59 9.07
CA ARG C 27 30.32 33.63 9.32
C ARG C 27 29.84 35.08 9.31
N ILE C 28 28.61 35.26 8.83
CA ILE C 28 28.04 36.59 8.67
C ILE C 28 27.01 36.87 9.77
N LYS C 29 26.58 38.11 9.88
CA LYS C 29 25.62 38.50 10.91
C LYS C 29 24.25 37.92 10.61
N VAL C 30 23.49 37.66 11.69
CA VAL C 30 22.14 37.11 11.51
C VAL C 30 21.24 38.15 10.87
N SER C 31 21.44 39.43 11.18
CA SER C 31 20.60 40.48 10.59
C SER C 31 20.67 40.49 9.07
N LYS C 32 21.73 39.93 8.48
CA LYS C 32 21.82 39.74 7.04
C LYS C 32 21.44 38.34 6.60
N ALA C 33 21.92 37.31 7.31
CA ALA C 33 21.64 35.92 6.96
C ALA C 33 20.16 35.58 7.05
N ALA C 34 19.38 36.33 7.83
CA ALA C 34 17.94 36.11 7.94
C ALA C 34 17.13 37.08 7.11
N ALA C 35 17.62 38.31 6.92
CA ALA C 35 17.00 39.21 5.96
C ALA C 35 17.06 38.65 4.56
N ASP C 36 18.15 37.95 4.21
CA ASP C 36 18.23 37.30 2.91
C ASP C 36 17.15 36.23 2.77
N LEU C 37 16.93 35.44 3.82
CA LEU C 37 15.87 34.43 3.76
C LEU C 37 14.50 35.06 3.69
N MET C 38 14.31 36.18 4.40
CA MET C 38 13.05 36.91 4.32
C MET C 38 12.78 37.43 2.92
N ALA C 39 13.81 37.96 2.25
CA ALA C 39 13.62 38.52 0.92
C ALA C 39 13.17 37.45 -0.07
N TYR C 40 13.63 36.21 0.11
CA TYR C 40 13.22 35.13 -0.78
C TYR C 40 11.73 34.81 -0.63
N CYS C 41 11.18 34.96 0.57
CA CYS C 41 9.77 34.67 0.80
C CYS C 41 8.86 35.71 0.16
N GLU C 42 9.19 36.99 0.28
CA GLU C 42 8.34 38.03 -0.30
C GLU C 42 8.49 38.12 -1.80
N ALA C 43 9.64 37.70 -2.34
CA ALA C 43 9.85 37.73 -3.78
C ALA C 43 9.20 36.54 -4.49
N HIS C 44 8.73 35.56 -3.73
CA HIS C 44 8.06 34.38 -4.29
C HIS C 44 6.69 34.17 -3.68
N ALA C 45 6.07 35.25 -3.19
CA ALA C 45 4.74 35.13 -2.59
C ALA C 45 3.71 34.71 -3.61
N LYS C 46 3.75 35.29 -4.82
CA LYS C 46 2.81 34.89 -5.87
C LYS C 46 3.13 33.49 -6.40
N GLU C 47 4.40 33.14 -6.48
CA GLU C 47 4.81 31.80 -6.89
C GLU C 47 4.80 30.84 -5.71
N ASP C 48 3.59 30.58 -5.22
CA ASP C 48 3.38 29.68 -4.09
C ASP C 48 1.97 29.14 -4.16
N PRO C 49 1.77 28.00 -4.84
CA PRO C 49 0.41 27.48 -5.00
C PRO C 49 -0.25 27.07 -3.70
N LEU C 50 0.52 26.84 -2.63
CA LEU C 50 -0.07 26.43 -1.37
C LEU C 50 -0.43 27.60 -0.45
N LEU C 51 0.29 28.72 -0.56
CA LEU C 51 0.01 29.86 0.30
C LEU C 51 -1.29 30.54 -0.09
N THR C 52 -1.37 31.06 -1.31
CA THR C 52 -2.60 31.65 -1.82
C THR C 52 -3.50 30.54 -2.36
N PRO C 53 -4.73 30.40 -1.85
CA PRO C 53 -5.60 29.31 -2.31
C PRO C 53 -5.97 29.48 -3.77
N VAL C 54 -5.45 28.59 -4.62
CA VAL C 54 -5.72 28.60 -6.05
C VAL C 54 -7.13 28.06 -6.30
N PRO C 55 -7.93 28.70 -7.15
CA PRO C 55 -9.24 28.15 -7.50
C PRO C 55 -9.11 26.83 -8.24
N ALA C 56 -10.27 26.22 -8.52
CA ALA C 56 -10.29 24.93 -9.17
C ALA C 56 -9.88 24.99 -10.64
N SER C 57 -9.75 26.19 -11.21
CA SER C 57 -9.43 26.31 -12.63
C SER C 57 -7.97 25.94 -12.89
N GLU C 58 -7.04 26.67 -12.27
CA GLU C 58 -5.63 26.40 -12.49
C GLU C 58 -5.13 25.17 -11.74
N ASN C 59 -5.89 24.69 -10.76
CA ASN C 59 -5.46 23.52 -10.00
C ASN C 59 -5.60 22.26 -10.85
N PRO C 60 -4.53 21.53 -11.12
CA PRO C 60 -4.64 20.28 -11.88
C PRO C 60 -5.12 19.10 -11.05
N PHE C 61 -5.35 19.27 -9.76
CA PHE C 61 -5.92 18.24 -8.91
C PHE C 61 -7.40 18.48 -8.63
N ARG C 62 -8.08 19.21 -9.53
CA ARG C 62 -9.47 19.56 -9.33
C ARG C 62 -10.38 18.33 -9.34
N GLU C 63 -10.09 17.36 -10.19
CA GLU C 63 -10.94 16.17 -10.31
C GLU C 63 -10.16 14.99 -10.91
N VAL D 2 13.81 -8.80 -29.78
CA VAL D 2 13.60 -7.46 -30.32
C VAL D 2 12.66 -7.50 -31.51
N GLN D 3 12.97 -8.39 -32.47
CA GLN D 3 12.22 -8.46 -33.71
C GLN D 3 10.81 -8.98 -33.49
N LEU D 4 9.89 -8.51 -34.33
CA LEU D 4 8.52 -9.01 -34.40
C LEU D 4 8.30 -9.61 -35.78
N VAL D 5 8.59 -10.89 -35.91
CA VAL D 5 8.37 -11.60 -37.17
C VAL D 5 6.95 -12.11 -37.21
N GLU D 6 6.24 -11.81 -38.30
CA GLU D 6 4.87 -12.23 -38.50
C GLU D 6 4.80 -13.22 -39.66
N SER D 7 4.06 -14.29 -39.47
CA SER D 7 3.98 -15.38 -40.44
C SER D 7 2.53 -15.61 -40.83
N GLY D 8 2.33 -16.05 -42.08
CA GLY D 8 1.04 -16.34 -42.64
C GLY D 8 0.81 -15.56 -43.92
N GLY D 9 -0.18 -16.01 -44.67
CA GLY D 9 -0.56 -15.34 -45.90
C GLY D 9 0.05 -15.98 -47.15
N GLY D 10 -0.25 -15.35 -48.28
CA GLY D 10 0.19 -15.85 -49.56
C GLY D 10 -0.90 -15.81 -50.62
N LEU D 11 -0.83 -16.71 -51.58
CA LEU D 11 -1.83 -16.78 -52.66
C LEU D 11 -3.06 -17.48 -52.11
N VAL D 12 -4.14 -16.73 -51.94
CA VAL D 12 -5.39 -17.22 -51.35
C VAL D 12 -6.52 -16.90 -52.30
N GLN D 13 -7.61 -17.68 -52.23
CA GLN D 13 -8.86 -17.53 -52.95
C GLN D 13 -9.92 -16.91 -52.05
N PRO D 14 -10.89 -16.19 -52.61
CA PRO D 14 -11.88 -15.50 -51.77
C PRO D 14 -12.68 -16.48 -50.93
N GLY D 15 -13.05 -16.01 -49.74
CA GLY D 15 -13.77 -16.84 -48.78
C GLY D 15 -12.88 -17.64 -47.85
N GLY D 16 -11.69 -17.99 -48.33
CA GLY D 16 -10.78 -18.78 -47.53
C GLY D 16 -10.40 -18.10 -46.22
N SER D 17 -10.38 -18.88 -45.15
CA SER D 17 -10.09 -18.40 -43.82
C SER D 17 -8.66 -18.76 -43.44
N ARG D 18 -7.90 -17.75 -43.01
CA ARG D 18 -6.50 -17.91 -42.64
C ARG D 18 -6.23 -17.23 -41.31
N LYS D 19 -5.21 -17.74 -40.62
CA LYS D 19 -4.78 -17.22 -39.32
C LYS D 19 -3.45 -16.52 -39.51
N LEU D 20 -3.41 -15.23 -39.20
CA LEU D 20 -2.18 -14.44 -39.22
C LEU D 20 -1.60 -14.39 -37.82
N SER D 21 -0.36 -14.87 -37.66
CA SER D 21 0.27 -14.97 -36.36
C SER D 21 1.66 -14.36 -36.42
N CYS D 22 2.06 -13.71 -35.33
CA CYS D 22 3.42 -13.22 -35.17
C CYS D 22 3.96 -13.71 -33.83
N SER D 23 5.25 -14.05 -33.81
CA SER D 23 5.91 -14.53 -32.61
C SER D 23 6.74 -13.41 -32.00
N ALA D 24 6.25 -12.86 -30.90
CA ALA D 24 6.99 -11.84 -30.18
C ALA D 24 8.20 -12.44 -29.47
N SER D 25 9.33 -11.75 -29.58
CA SER D 25 10.57 -12.25 -29.00
C SER D 25 11.47 -11.05 -28.69
N GLY D 26 11.54 -10.69 -27.41
CA GLY D 26 12.43 -9.66 -26.96
C GLY D 26 11.84 -8.54 -26.12
N PHE D 27 10.63 -8.73 -25.56
CA PHE D 27 10.09 -7.76 -24.62
C PHE D 27 9.01 -8.43 -23.79
N ALA D 28 8.44 -7.66 -22.85
CA ALA D 28 7.34 -8.13 -22.03
C ALA D 28 6.05 -8.14 -22.85
N PHE D 29 5.82 -9.23 -23.58
CA PHE D 29 4.65 -9.31 -24.46
C PHE D 29 3.36 -9.20 -23.68
N SER D 30 3.34 -9.63 -22.42
CA SER D 30 2.13 -9.56 -21.62
C SER D 30 1.82 -8.15 -21.14
N SER D 31 2.78 -7.23 -21.20
CA SER D 31 2.58 -5.86 -20.74
C SER D 31 2.35 -4.88 -21.87
N PHE D 32 2.39 -5.33 -23.12
CA PHE D 32 2.23 -4.48 -24.28
C PHE D 32 0.87 -4.73 -24.93
N GLY D 33 0.15 -3.65 -25.22
CA GLY D 33 -1.11 -3.78 -25.93
C GLY D 33 -0.89 -3.86 -27.43
N MET D 34 -0.95 -5.07 -27.97
CA MET D 34 -0.62 -5.30 -29.37
C MET D 34 -1.72 -4.77 -30.28
N HIS D 35 -1.34 -4.47 -31.52
CA HIS D 35 -2.26 -3.92 -32.51
C HIS D 35 -2.17 -4.78 -33.77
N TRP D 36 -2.84 -4.32 -34.82
CA TRP D 36 -2.78 -4.95 -36.14
C TRP D 36 -3.13 -3.88 -37.16
N VAL D 37 -2.15 -3.48 -37.97
CA VAL D 37 -2.32 -2.43 -38.97
C VAL D 37 -1.95 -2.99 -40.33
N ARG D 38 -2.82 -2.77 -41.31
CA ARG D 38 -2.62 -3.29 -42.66
C ARG D 38 -2.38 -2.15 -43.64
N GLN D 39 -1.76 -2.50 -44.77
CA GLN D 39 -1.47 -1.52 -45.82
C GLN D 39 -1.71 -2.19 -47.17
N ALA D 40 -2.63 -1.63 -47.95
CA ALA D 40 -2.91 -2.17 -49.27
C ALA D 40 -1.67 -2.01 -50.15
N PRO D 41 -1.51 -2.83 -51.20
CA PRO D 41 -0.27 -2.79 -51.99
C PRO D 41 0.00 -1.45 -52.65
N GLU D 42 -1.00 -0.60 -52.85
CA GLU D 42 -0.80 0.71 -53.45
C GLU D 42 -1.56 1.80 -52.71
N LYS D 43 -1.89 1.59 -51.44
CA LYS D 43 -2.63 2.56 -50.66
C LYS D 43 -1.92 2.79 -49.34
N GLY D 44 -2.53 3.60 -48.47
CA GLY D 44 -1.98 3.90 -47.18
C GLY D 44 -2.33 2.84 -46.15
N LEU D 45 -1.98 3.14 -44.90
CA LEU D 45 -2.24 2.22 -43.80
C LEU D 45 -3.72 2.18 -43.47
N GLU D 46 -4.12 1.11 -42.78
CA GLU D 46 -5.52 0.91 -42.40
C GLU D 46 -5.55 0.09 -41.12
N TRP D 47 -6.06 0.68 -40.05
CA TRP D 47 -6.18 -0.02 -38.78
C TRP D 47 -7.13 -1.21 -38.91
N VAL D 48 -6.80 -2.29 -38.20
CA VAL D 48 -7.58 -3.53 -38.25
C VAL D 48 -8.19 -3.85 -36.88
N ALA D 49 -7.35 -4.03 -35.87
CA ALA D 49 -7.84 -4.48 -34.57
C ALA D 49 -6.87 -4.06 -33.48
N TYR D 50 -7.10 -4.56 -32.27
CA TYR D 50 -6.33 -4.20 -31.09
C TYR D 50 -6.66 -5.16 -29.96
N ILE D 51 -5.63 -5.50 -29.17
CA ILE D 51 -5.79 -6.26 -27.94
C ILE D 51 -5.01 -5.57 -26.83
N SER D 52 -5.66 -5.37 -25.69
CA SER D 52 -5.01 -4.81 -24.54
C SER D 52 -4.18 -5.89 -23.84
N SER D 53 -3.48 -5.53 -22.78
CA SER D 53 -2.71 -6.50 -22.01
C SER D 53 -3.65 -7.51 -21.38
N GLY D 54 -3.31 -8.80 -21.49
CA GLY D 54 -4.15 -9.84 -20.93
C GLY D 54 -5.48 -10.01 -21.60
N SER D 55 -5.62 -9.55 -22.85
CA SER D 55 -6.86 -9.63 -23.63
C SER D 55 -8.04 -8.95 -22.96
N GLY D 56 -7.77 -7.92 -22.16
CA GLY D 56 -8.85 -7.23 -21.48
C GLY D 56 -9.78 -6.48 -22.41
N THR D 57 -9.24 -5.79 -23.41
CA THR D 57 -10.03 -4.98 -24.32
C THR D 57 -9.67 -5.35 -25.76
N ILE D 58 -10.70 -5.59 -26.57
CA ILE D 58 -10.51 -5.96 -27.97
C ILE D 58 -11.38 -5.04 -28.82
N TYR D 59 -10.76 -4.33 -29.75
CA TYR D 59 -11.46 -3.42 -30.65
C TYR D 59 -11.23 -3.84 -32.11
N TYR D 60 -12.13 -3.41 -32.98
CA TYR D 60 -12.04 -3.69 -34.40
C TYR D 60 -12.42 -2.42 -35.18
N ALA D 61 -11.99 -2.36 -36.43
CA ALA D 61 -12.40 -1.28 -37.32
C ALA D 61 -13.80 -1.60 -37.85
N ASP D 62 -14.45 -0.61 -38.44
CA ASP D 62 -15.80 -0.78 -38.96
C ASP D 62 -15.87 -1.81 -40.09
N THR D 63 -14.78 -1.96 -40.84
CA THR D 63 -14.79 -2.91 -41.96
C THR D 63 -14.67 -4.35 -41.47
N VAL D 64 -13.83 -4.59 -40.46
CA VAL D 64 -13.56 -5.95 -40.00
C VAL D 64 -14.31 -6.22 -38.70
N LYS D 65 -15.29 -5.38 -38.39
CA LYS D 65 -16.03 -5.50 -37.14
C LYS D 65 -16.80 -6.82 -37.10
N GLY D 66 -16.42 -7.69 -36.17
CA GLY D 66 -17.10 -8.95 -35.98
C GLY D 66 -16.68 -10.04 -36.96
N ARG D 67 -16.28 -9.66 -38.17
CA ARG D 67 -15.92 -10.63 -39.19
C ARG D 67 -14.57 -11.29 -38.93
N PHE D 68 -13.62 -10.58 -38.33
CA PHE D 68 -12.31 -11.15 -37.99
C PHE D 68 -12.20 -11.34 -36.49
N THR D 69 -11.50 -12.40 -36.09
CA THR D 69 -11.31 -12.75 -34.69
C THR D 69 -9.83 -12.60 -34.34
N ILE D 70 -9.55 -11.88 -33.25
CA ILE D 70 -8.20 -11.61 -32.82
C ILE D 70 -8.02 -12.16 -31.42
N SER D 71 -6.79 -12.58 -31.10
CA SER D 71 -6.48 -13.19 -29.81
C SER D 71 -4.97 -13.15 -29.60
N ARG D 72 -4.56 -13.40 -28.36
CA ARG D 72 -3.14 -13.43 -28.04
C ARG D 72 -2.89 -14.63 -27.12
N ASP D 73 -1.63 -15.10 -27.13
CA ASP D 73 -1.21 -16.23 -26.33
C ASP D 73 0.06 -15.82 -25.59
N ASP D 74 -0.11 -15.33 -24.36
CA ASP D 74 1.05 -14.90 -23.58
C ASP D 74 2.06 -16.01 -23.29
N PRO D 75 1.68 -17.23 -22.88
CA PRO D 75 2.69 -18.25 -22.60
C PRO D 75 3.59 -18.58 -23.78
N LYS D 76 3.07 -18.52 -25.00
CA LYS D 76 3.87 -18.82 -26.19
C LYS D 76 4.49 -17.57 -26.82
N ASN D 77 4.24 -16.39 -26.26
CA ASN D 77 4.76 -15.13 -26.78
C ASN D 77 4.41 -14.96 -28.26
N THR D 78 3.12 -15.06 -28.57
CA THR D 78 2.64 -14.95 -29.93
C THR D 78 1.32 -14.19 -29.96
N LEU D 79 1.03 -13.57 -31.11
CA LEU D 79 -0.19 -12.82 -31.33
C LEU D 79 -0.95 -13.46 -32.48
N PHE D 80 -2.26 -13.61 -32.33
CA PHE D 80 -3.09 -14.31 -33.30
C PHE D 80 -4.15 -13.38 -33.86
N LEU D 81 -4.54 -13.61 -35.12
CA LEU D 81 -5.67 -12.93 -35.74
C LEU D 81 -6.16 -13.82 -36.87
N GLN D 82 -7.38 -14.33 -36.74
CA GLN D 82 -7.97 -15.25 -37.71
C GLN D 82 -8.94 -14.50 -38.61
N MET D 83 -8.80 -14.69 -39.91
CA MET D 83 -9.71 -14.08 -40.87
C MET D 83 -10.85 -15.03 -41.21
N THR D 84 -12.01 -14.46 -41.50
CA THR D 84 -13.15 -15.21 -42.00
C THR D 84 -13.76 -14.49 -43.19
N SER D 85 -14.01 -15.24 -44.26
CA SER D 85 -14.61 -14.72 -45.49
C SER D 85 -13.77 -13.59 -46.07
N LEU D 86 -12.55 -13.95 -46.44
CA LEU D 86 -11.63 -13.02 -47.09
C LEU D 86 -12.18 -12.61 -48.45
N ARG D 87 -12.20 -11.30 -48.71
CA ARG D 87 -12.63 -10.75 -49.98
C ARG D 87 -11.50 -9.96 -50.61
N SER D 88 -11.64 -9.67 -51.90
CA SER D 88 -10.60 -8.99 -52.67
C SER D 88 -10.28 -7.61 -52.12
N GLU D 89 -11.18 -7.01 -51.34
CA GLU D 89 -10.93 -5.72 -50.71
C GLU D 89 -10.23 -5.85 -49.37
N ASP D 90 -9.55 -6.97 -49.12
CA ASP D 90 -8.79 -7.16 -47.89
C ASP D 90 -7.32 -7.47 -48.15
N THR D 91 -6.88 -7.46 -49.41
CA THR D 91 -5.47 -7.64 -49.70
C THR D 91 -4.67 -6.48 -49.13
N ALA D 92 -3.62 -6.80 -48.39
CA ALA D 92 -2.80 -5.78 -47.73
C ALA D 92 -1.58 -6.46 -47.11
N MET D 93 -0.62 -5.65 -46.71
CA MET D 93 0.47 -6.10 -45.87
C MET D 93 0.16 -5.77 -44.42
N TYR D 94 0.09 -6.83 -43.60
CA TYR D 94 -0.45 -6.73 -42.24
C TYR D 94 0.69 -6.59 -41.25
N TYR D 95 0.80 -5.41 -40.63
CA TYR D 95 1.87 -5.10 -39.71
C TYR D 95 1.41 -5.30 -38.27
N CYS D 96 2.27 -5.89 -37.45
CA CYS D 96 2.01 -6.10 -36.04
C CYS D 96 2.66 -4.95 -35.27
N VAL D 97 1.87 -4.23 -34.50
CA VAL D 97 2.31 -2.99 -33.86
C VAL D 97 2.31 -3.18 -32.36
N ARG D 98 3.47 -3.00 -31.74
CA ARG D 98 3.57 -2.94 -30.28
C ARG D 98 3.06 -1.60 -29.78
N SER D 99 2.43 -1.63 -28.59
CA SER D 99 1.94 -0.40 -27.99
C SER D 99 1.79 -0.60 -26.49
N ILE D 100 2.23 0.40 -25.73
CA ILE D 100 2.05 0.43 -24.29
C ILE D 100 1.45 1.79 -23.92
N TYR D 101 0.59 1.78 -22.91
CA TYR D 101 -0.18 2.97 -22.55
C TYR D 101 -0.02 3.29 -21.07
N TYR D 102 0.99 4.08 -20.75
CA TYR D 102 1.08 4.77 -19.47
C TYR D 102 1.40 6.22 -19.77
N TYR D 103 1.52 7.05 -18.73
CA TYR D 103 1.83 8.45 -18.93
C TYR D 103 3.23 8.59 -19.55
N GLY D 104 3.33 9.40 -20.59
CA GLY D 104 4.62 9.64 -21.21
C GLY D 104 5.18 8.48 -21.99
N SER D 105 4.36 7.47 -22.28
CA SER D 105 4.83 6.32 -23.04
C SER D 105 4.99 6.68 -24.51
N SER D 106 5.38 5.69 -25.30
CA SER D 106 5.54 5.85 -26.75
C SER D 106 4.73 4.76 -27.43
N PRO D 107 3.42 4.94 -27.55
CA PRO D 107 2.60 3.94 -28.24
C PRO D 107 2.96 3.85 -29.71
N PHE D 108 2.74 2.67 -30.29
CA PHE D 108 3.05 2.39 -31.68
C PHE D 108 4.54 2.58 -31.96
N ASP D 109 5.39 2.10 -31.06
CA ASP D 109 6.83 2.34 -31.17
C ASP D 109 7.50 1.36 -32.12
N PHE D 110 7.32 0.06 -31.91
CA PHE D 110 7.92 -0.95 -32.76
C PHE D 110 6.88 -1.52 -33.72
N TRP D 111 7.31 -1.74 -34.97
CA TRP D 111 6.42 -2.20 -36.02
C TRP D 111 7.03 -3.44 -36.66
N GLY D 112 6.20 -4.45 -36.90
CA GLY D 112 6.68 -5.67 -37.50
C GLY D 112 6.95 -5.52 -38.99
N GLN D 113 7.56 -6.56 -39.57
CA GLN D 113 7.91 -6.52 -40.98
C GLN D 113 6.70 -6.69 -41.89
N GLY D 114 5.67 -7.37 -41.41
CA GLY D 114 4.43 -7.50 -42.17
C GLY D 114 4.37 -8.77 -42.99
N THR D 115 3.14 -9.20 -43.26
CA THR D 115 2.84 -10.39 -44.04
C THR D 115 2.15 -10.01 -45.35
N THR D 116 2.50 -10.73 -46.41
CA THR D 116 1.93 -10.49 -47.72
C THR D 116 0.64 -11.29 -47.87
N LEU D 117 -0.47 -10.59 -48.03
CA LEU D 117 -1.79 -11.20 -48.21
C LEU D 117 -2.34 -10.78 -49.56
N THR D 118 -2.60 -11.75 -50.43
CA THR D 118 -3.16 -11.51 -51.75
C THR D 118 -4.25 -12.53 -52.00
N VAL D 119 -5.50 -12.08 -52.07
CA VAL D 119 -6.63 -12.92 -52.39
C VAL D 119 -7.14 -12.49 -53.77
N SER D 120 -7.33 -13.45 -54.66
CA SER D 120 -7.73 -13.17 -56.03
C SER D 120 -9.26 -13.12 -56.10
N SER D 121 -9.81 -13.08 -57.32
CA SER D 121 -11.26 -13.07 -57.51
C SER D 121 -11.71 -14.26 -58.35
N SER D 136 -19.79 10.01 -38.89
CA SER D 136 -19.26 10.36 -37.58
C SER D 136 -17.91 9.69 -37.35
N ASP D 137 -16.91 10.12 -38.12
CA ASP D 137 -15.57 9.54 -38.03
C ASP D 137 -14.57 10.65 -38.29
N ILE D 138 -13.34 10.44 -37.81
CA ILE D 138 -12.26 11.39 -38.01
C ILE D 138 -11.61 11.13 -39.36
N VAL D 139 -11.30 12.19 -40.08
CA VAL D 139 -10.66 12.12 -41.39
C VAL D 139 -9.38 12.94 -41.33
N MET D 140 -8.28 12.34 -41.80
CA MET D 140 -6.96 12.98 -41.77
C MET D 140 -6.59 13.33 -43.20
N THR D 141 -6.71 14.60 -43.54
CA THR D 141 -6.46 15.05 -44.91
C THR D 141 -5.04 15.57 -45.06
N GLN D 142 -4.32 15.01 -46.03
CA GLN D 142 -2.99 15.48 -46.40
C GLN D 142 -2.78 15.24 -47.89
N ALA D 143 -2.78 16.32 -48.66
CA ALA D 143 -2.70 16.24 -50.11
C ALA D 143 -1.29 16.27 -50.65
N THR D 144 -0.29 16.38 -49.78
CA THR D 144 1.10 16.39 -50.22
C THR D 144 1.48 15.01 -50.73
N SER D 145 1.82 14.93 -52.01
CA SER D 145 2.20 13.67 -52.64
C SER D 145 3.04 13.95 -53.87
N SER D 146 4.04 13.10 -54.11
CA SER D 146 4.98 13.27 -55.22
C SER D 146 5.72 14.60 -55.12
N VAL D 147 5.91 15.08 -53.90
CA VAL D 147 6.61 16.33 -53.64
C VAL D 147 8.12 16.08 -53.71
N PRO D 148 8.87 16.88 -54.46
CA PRO D 148 10.32 16.66 -54.56
C PRO D 148 11.05 17.28 -53.38
N VAL D 149 12.13 16.63 -52.96
CA VAL D 149 12.94 17.10 -51.83
C VAL D 149 14.41 16.90 -52.18
N THR D 150 15.24 17.85 -51.74
CA THR D 150 16.69 17.92 -51.86
C THR D 150 17.33 17.87 -50.48
N PRO D 151 18.38 17.06 -50.30
CA PRO D 151 19.02 16.98 -48.99
C PRO D 151 19.59 18.32 -48.55
N GLY D 152 19.50 18.58 -47.25
CA GLY D 152 19.93 19.82 -46.65
C GLY D 152 18.86 20.89 -46.60
N GLU D 153 17.70 20.65 -47.20
CA GLU D 153 16.62 21.62 -47.21
C GLU D 153 15.68 21.37 -46.04
N SER D 154 14.58 22.13 -45.98
CA SER D 154 13.59 22.00 -44.92
C SER D 154 12.20 21.84 -45.53
N VAL D 155 11.47 20.84 -45.07
CA VAL D 155 10.13 20.53 -45.58
C VAL D 155 9.17 20.47 -44.41
N SER D 156 8.08 21.23 -44.48
CA SER D 156 7.05 21.26 -43.45
C SER D 156 5.83 20.53 -44.01
N ILE D 157 5.77 19.22 -43.77
CA ILE D 157 4.70 18.39 -44.28
C ILE D 157 3.41 18.77 -43.57
N SER D 158 2.46 19.33 -44.31
CA SER D 158 1.21 19.81 -43.73
C SER D 158 0.31 18.63 -43.37
N CYS D 159 -0.73 18.93 -42.58
CA CYS D 159 -1.69 17.93 -42.16
C CYS D 159 -2.96 18.66 -41.72
N ARG D 160 -4.04 17.89 -41.56
CA ARG D 160 -5.32 18.46 -41.17
C ARG D 160 -6.26 17.32 -40.79
N SER D 161 -7.12 17.57 -39.80
CA SER D 161 -8.10 16.59 -39.35
C SER D 161 -9.51 17.16 -39.49
N SER D 162 -10.49 16.39 -39.02
CA SER D 162 -11.88 16.81 -38.98
C SER D 162 -12.42 16.91 -37.56
N LYS D 163 -11.56 16.84 -36.56
CA LYS D 163 -11.96 16.88 -35.17
C LYS D 163 -10.83 17.49 -34.35
N SER D 164 -11.20 18.24 -33.32
CA SER D 164 -10.22 18.87 -32.45
C SER D 164 -9.51 17.78 -31.64
N LEU D 165 -8.28 17.47 -32.03
CA LEU D 165 -7.51 16.44 -31.34
C LEU D 165 -7.03 16.88 -29.97
N LEU D 166 -7.16 18.17 -29.65
CA LEU D 166 -6.81 18.67 -28.32
C LEU D 166 -7.87 18.27 -27.32
N HIS D 167 -7.67 17.14 -26.64
CA HIS D 167 -8.61 16.69 -25.64
C HIS D 167 -8.55 17.62 -24.42
N SER D 168 -9.61 17.55 -23.60
CA SER D 168 -9.68 18.39 -22.41
C SER D 168 -8.61 18.04 -21.39
N ASN D 169 -7.94 16.90 -21.54
CA ASN D 169 -6.91 16.46 -20.60
C ASN D 169 -5.53 16.97 -20.96
N GLY D 170 -5.44 18.06 -21.72
CA GLY D 170 -4.19 18.75 -21.99
C GLY D 170 -3.43 18.40 -23.26
N ASN D 171 -3.25 17.11 -23.55
CA ASN D 171 -2.41 16.70 -24.66
C ASN D 171 -3.25 16.38 -25.89
N THR D 172 -2.59 16.40 -27.05
CA THR D 172 -3.21 16.10 -28.33
C THR D 172 -2.76 14.73 -28.79
N TYR D 173 -3.71 13.89 -29.17
CA TYR D 173 -3.44 12.48 -29.50
C TYR D 173 -3.26 12.30 -31.01
N LEU D 174 -2.24 12.96 -31.56
CA LEU D 174 -1.84 12.78 -32.95
C LEU D 174 -0.42 12.23 -32.98
N TYR D 175 -0.20 11.23 -33.80
CA TYR D 175 1.12 10.62 -33.93
C TYR D 175 1.70 10.96 -35.31
N TRP D 176 2.93 10.50 -35.54
CA TRP D 176 3.54 10.57 -36.86
C TRP D 176 4.34 9.30 -37.09
N PHE D 177 4.47 8.93 -38.37
CA PHE D 177 5.15 7.69 -38.74
C PHE D 177 5.94 7.91 -40.01
N LEU D 178 6.96 7.08 -40.20
CA LEU D 178 7.82 7.11 -41.37
C LEU D 178 7.90 5.72 -41.98
N GLN D 179 7.95 5.67 -43.30
CA GLN D 179 8.04 4.41 -44.01
C GLN D 179 9.03 4.57 -45.16
N ARG D 180 10.23 4.07 -44.98
CA ARG D 180 11.22 4.09 -46.04
C ARG D 180 10.80 3.11 -47.13
N PRO D 181 11.26 3.27 -48.37
CA PRO D 181 10.83 2.35 -49.45
C PRO D 181 11.31 0.94 -49.17
N GLY D 182 10.36 0.03 -48.92
CA GLY D 182 10.65 -1.36 -48.71
C GLY D 182 10.93 -1.76 -47.27
N GLN D 183 10.57 -0.93 -46.30
CA GLN D 183 10.83 -1.26 -44.90
C GLN D 183 9.57 -1.01 -44.08
N SER D 184 9.60 -1.53 -42.85
CA SER D 184 8.47 -1.40 -41.96
C SER D 184 8.32 0.04 -41.48
N PRO D 185 7.11 0.45 -41.10
CA PRO D 185 6.92 1.81 -40.56
C PRO D 185 7.68 2.04 -39.27
N GLN D 186 7.93 3.29 -38.93
CA GLN D 186 8.69 3.63 -37.74
C GLN D 186 8.11 4.90 -37.12
N LEU D 187 7.89 4.84 -35.80
CA LEU D 187 7.34 5.99 -35.10
C LEU D 187 8.36 7.12 -35.04
N LEU D 188 7.88 8.34 -35.25
CA LEU D 188 8.74 9.52 -35.22
C LEU D 188 8.42 10.43 -34.04
N ILE D 189 7.16 10.82 -33.88
CA ILE D 189 6.75 11.82 -32.91
C ILE D 189 5.52 11.26 -32.21
N TYR D 190 5.69 10.79 -30.97
CA TYR D 190 4.68 9.96 -30.31
C TYR D 190 3.54 10.76 -29.68
N ARG D 191 3.61 12.08 -29.70
CA ARG D 191 2.46 12.97 -29.50
C ARG D 191 2.63 14.09 -30.50
N MET D 192 1.95 15.21 -30.29
CA MET D 192 2.31 16.41 -31.04
C MET D 192 3.45 17.11 -30.32
N SER D 193 4.53 17.40 -31.06
CA SER D 193 5.74 18.03 -30.55
C SER D 193 6.43 17.15 -29.50
N ASN D 194 6.75 15.94 -29.92
CA ASN D 194 7.55 15.00 -29.14
C ASN D 194 8.57 14.36 -30.08
N LEU D 195 9.25 13.32 -29.57
CA LEU D 195 10.21 12.59 -30.40
C LEU D 195 10.46 11.23 -29.77
N ALA D 196 10.21 10.17 -30.53
CA ALA D 196 10.45 8.82 -30.08
C ALA D 196 11.93 8.52 -30.01
N SER D 197 12.28 7.51 -29.21
CA SER D 197 13.67 7.10 -29.07
C SER D 197 14.22 6.59 -30.39
N GLY D 198 15.50 6.86 -30.63
CA GLY D 198 16.14 6.46 -31.86
C GLY D 198 15.83 7.33 -33.05
N VAL D 199 15.29 8.52 -32.84
CA VAL D 199 14.94 9.45 -33.91
C VAL D 199 15.80 10.70 -33.73
N PRO D 200 16.49 11.17 -34.77
CA PRO D 200 17.30 12.38 -34.63
C PRO D 200 16.44 13.61 -34.40
N ASP D 201 17.07 14.63 -33.82
CA ASP D 201 16.39 15.86 -33.44
C ASP D 201 16.09 16.74 -34.67
N ARG D 202 16.31 16.21 -35.88
CA ARG D 202 15.98 16.97 -37.08
C ARG D 202 14.47 17.17 -37.19
N PHE D 203 13.69 16.19 -36.76
CA PHE D 203 12.24 16.25 -36.85
C PHE D 203 11.68 16.89 -35.58
N SER D 204 10.86 17.93 -35.75
CA SER D 204 10.22 18.60 -34.64
C SER D 204 8.78 18.93 -35.03
N GLY D 205 7.82 18.37 -34.29
CA GLY D 205 6.44 18.59 -34.58
C GLY D 205 5.94 19.95 -34.13
N SER D 206 4.88 20.42 -34.80
CA SER D 206 4.28 21.71 -34.46
C SER D 206 2.85 21.70 -34.99
N GLY D 207 1.88 21.77 -34.08
CA GLY D 207 0.48 21.76 -34.47
C GLY D 207 -0.36 22.59 -33.54
N SER D 208 -1.58 22.86 -33.98
CA SER D 208 -2.52 23.66 -33.20
C SER D 208 -3.93 23.32 -33.64
N GLY D 209 -4.71 22.68 -32.77
CA GLY D 209 -6.09 22.36 -33.07
C GLY D 209 -6.24 21.24 -34.07
N THR D 210 -6.69 21.57 -35.28
CA THR D 210 -6.89 20.60 -36.35
C THR D 210 -5.93 20.89 -37.50
N ALA D 211 -4.78 21.48 -37.20
CA ALA D 211 -3.78 21.80 -38.20
C ALA D 211 -2.41 21.47 -37.64
N PHE D 212 -1.72 20.54 -38.29
CA PHE D 212 -0.43 20.05 -37.80
C PHE D 212 0.57 20.06 -38.94
N THR D 213 1.83 20.27 -38.59
CA THR D 213 2.93 20.22 -39.54
C THR D 213 4.13 19.55 -38.90
N LEU D 214 4.81 18.71 -39.67
CA LEU D 214 6.03 18.04 -39.23
C LEU D 214 7.19 18.83 -39.83
N THR D 215 7.81 19.67 -39.01
CA THR D 215 8.90 20.53 -39.45
C THR D 215 10.22 19.77 -39.35
N ILE D 216 10.96 19.72 -40.46
CA ILE D 216 12.31 19.18 -40.48
C ILE D 216 13.28 20.34 -40.65
N SER D 217 14.10 20.58 -39.62
CA SER D 217 15.05 21.69 -39.67
C SER D 217 16.06 21.48 -40.80
N ARG D 218 16.70 20.32 -40.84
CA ARG D 218 17.61 19.96 -41.91
C ARG D 218 17.57 18.44 -42.09
N LEU D 219 17.39 18.00 -43.32
CA LEU D 219 17.15 16.60 -43.62
C LEU D 219 18.29 16.01 -44.42
N GLU D 220 18.63 14.76 -44.12
CA GLU D 220 19.71 14.04 -44.78
C GLU D 220 19.14 13.27 -45.98
N ALA D 221 19.94 12.35 -46.53
CA ALA D 221 19.54 11.57 -47.68
C ALA D 221 19.04 10.18 -47.30
N GLU D 222 18.84 9.90 -46.01
CA GLU D 222 18.37 8.60 -45.57
C GLU D 222 16.95 8.62 -45.03
N ASP D 223 16.43 9.78 -44.65
CA ASP D 223 15.07 9.90 -44.13
C ASP D 223 14.07 10.21 -45.24
N VAL D 224 14.07 9.38 -46.27
CA VAL D 224 13.18 9.55 -47.41
C VAL D 224 12.08 8.50 -47.34
N GLY D 225 10.85 8.92 -47.63
CA GLY D 225 9.74 8.00 -47.59
C GLY D 225 8.37 8.68 -47.57
N VAL D 226 7.39 8.03 -46.96
CA VAL D 226 6.02 8.52 -46.89
C VAL D 226 5.64 8.70 -45.43
N TYR D 227 5.01 9.83 -45.12
CA TYR D 227 4.72 10.23 -43.74
C TYR D 227 3.21 10.21 -43.53
N TYR D 228 2.74 9.23 -42.76
CA TYR D 228 1.34 9.15 -42.41
C TYR D 228 1.08 9.75 -41.03
N CYS D 229 -0.08 10.39 -40.91
CA CYS D 229 -0.59 10.89 -39.64
C CYS D 229 -1.65 9.93 -39.11
N MET D 230 -1.84 9.95 -37.80
CA MET D 230 -2.80 9.04 -37.19
C MET D 230 -3.29 9.63 -35.88
N GLN D 231 -4.60 9.74 -35.72
CA GLN D 231 -5.19 10.21 -34.48
C GLN D 231 -5.38 9.06 -33.50
N HIS D 232 -5.20 9.36 -32.23
CA HIS D 232 -5.47 8.40 -31.17
C HIS D 232 -6.44 8.96 -30.13
N LEU D 233 -7.20 9.99 -30.48
CA LEU D 233 -8.21 10.52 -29.57
C LEU D 233 -9.28 9.48 -29.29
N GLU D 234 -9.82 8.87 -30.34
CA GLU D 234 -10.81 7.81 -30.20
C GLU D 234 -10.70 6.88 -31.40
N TYR D 235 -11.19 5.65 -31.20
CA TYR D 235 -11.12 4.63 -32.23
C TYR D 235 -12.07 4.97 -33.38
N PRO D 236 -11.87 4.36 -34.56
CA PRO D 236 -10.94 3.29 -34.94
C PRO D 236 -9.62 3.73 -35.57
N LEU D 237 -9.00 4.79 -35.04
CA LEU D 237 -7.62 5.15 -35.35
C LEU D 237 -7.40 5.34 -36.86
N THR D 238 -8.07 6.36 -37.38
CA THR D 238 -7.96 6.66 -38.81
C THR D 238 -6.57 7.15 -39.14
N PHE D 239 -6.15 6.91 -40.39
CA PHE D 239 -4.84 7.33 -40.87
C PHE D 239 -5.01 8.39 -41.96
N GLY D 240 -3.91 8.82 -42.55
CA GLY D 240 -3.91 9.75 -43.65
C GLY D 240 -3.35 9.12 -44.92
N ALA D 241 -3.35 9.91 -45.98
CA ALA D 241 -2.86 9.45 -47.26
C ALA D 241 -1.33 9.44 -47.27
N GLY D 242 -0.76 9.03 -48.39
CA GLY D 242 0.69 9.00 -48.54
C GLY D 242 1.27 10.37 -48.78
N THR D 243 2.57 10.49 -48.54
CA THR D 243 3.33 11.72 -48.77
C THR D 243 4.70 11.31 -49.32
N LYS D 244 4.79 11.21 -50.64
CA LYS D 244 6.01 10.71 -51.28
C LYS D 244 6.98 11.86 -51.48
N LEU D 245 8.08 11.85 -50.71
CA LEU D 245 9.14 12.84 -50.85
C LEU D 245 10.13 12.33 -51.88
N GLU D 246 10.12 12.92 -53.08
CA GLU D 246 10.98 12.49 -54.16
C GLU D 246 12.35 13.12 -54.04
N LEU D 247 13.39 12.31 -54.23
CA LEU D 247 14.77 12.78 -54.14
C LEU D 247 15.07 13.80 -55.23
N THR E 29 -55.29 -1.54 28.25
CA THR E 29 -55.17 -0.49 27.25
C THR E 29 -53.98 0.41 27.52
N VAL E 30 -53.91 0.94 28.75
CA VAL E 30 -52.80 1.79 29.14
C VAL E 30 -51.48 1.04 29.21
N GLU E 31 -51.49 -0.22 29.65
CA GLU E 31 -50.25 -0.97 29.76
C GLU E 31 -49.61 -1.21 28.41
N MET E 32 -50.41 -1.35 27.34
CA MET E 32 -49.86 -1.55 26.02
C MET E 32 -49.13 -0.31 25.52
N VAL E 33 -49.75 0.87 25.68
CA VAL E 33 -49.06 2.09 25.28
C VAL E 33 -47.90 2.41 26.20
N PHE E 34 -47.92 1.89 27.44
CA PHE E 34 -46.76 2.04 28.32
C PHE E 34 -45.59 1.18 27.85
N ILE E 35 -45.85 -0.07 27.49
CA ILE E 35 -44.78 -0.95 27.00
C ILE E 35 -44.34 -0.57 25.60
N ALA E 36 -45.17 0.15 24.84
CA ALA E 36 -44.74 0.63 23.53
C ALA E 36 -43.57 1.59 23.63
N THR E 37 -43.49 2.36 24.72
CA THR E 37 -42.36 3.28 24.88
C THR E 37 -41.05 2.53 24.99
N VAL E 38 -40.99 1.48 25.83
CA VAL E 38 -39.75 0.73 25.95
C VAL E 38 -39.49 -0.10 24.70
N THR E 39 -40.55 -0.54 24.00
CA THR E 39 -40.35 -1.21 22.73
C THR E 39 -39.70 -0.28 21.70
N GLY E 40 -40.17 0.96 21.63
CA GLY E 40 -39.54 1.95 20.77
C GLY E 40 -38.12 2.28 21.19
N SER E 41 -37.87 2.30 22.50
CA SER E 41 -36.50 2.48 22.98
C SER E 41 -35.59 1.35 22.52
N LEU E 42 -36.08 0.11 22.58
CA LEU E 42 -35.31 -1.02 22.08
C LEU E 42 -35.09 -0.92 20.57
N SER E 43 -36.10 -0.46 19.83
CA SER E 43 -35.93 -0.26 18.39
C SER E 43 -34.87 0.78 18.10
N LEU E 44 -34.88 1.89 18.84
CA LEU E 44 -33.82 2.89 18.69
C LEU E 44 -32.46 2.33 19.05
N VAL E 45 -32.38 1.51 20.09
CA VAL E 45 -31.11 0.87 20.44
C VAL E 45 -30.62 0.01 19.29
N THR E 46 -31.52 -0.76 18.68
CA THR E 46 -31.16 -1.62 17.55
C THR E 46 -30.63 -0.79 16.38
N VAL E 47 -31.36 0.26 16.01
CA VAL E 47 -30.97 1.03 14.83
C VAL E 47 -29.67 1.79 15.07
N VAL E 48 -29.45 2.31 16.28
CA VAL E 48 -28.19 3.00 16.57
C VAL E 48 -27.03 2.04 16.77
N GLY E 49 -27.30 0.77 17.14
CA GLY E 49 -26.24 -0.21 17.16
C GLY E 49 -25.87 -0.70 15.78
N ASN E 50 -26.80 -0.65 14.84
CA ASN E 50 -26.50 -1.04 13.47
C ASN E 50 -25.85 0.08 12.66
N ILE E 51 -26.35 1.31 12.80
CA ILE E 51 -25.81 2.44 12.05
C ILE E 51 -24.34 2.69 12.38
N LEU E 52 -23.94 2.47 13.64
CA LEU E 52 -22.53 2.63 13.99
C LEU E 52 -21.69 1.52 13.39
N VAL E 53 -22.13 0.28 13.49
CA VAL E 53 -21.30 -0.86 13.12
C VAL E 53 -21.11 -0.94 11.60
N MET E 54 -22.16 -0.71 10.81
CA MET E 54 -21.94 -0.85 9.36
C MET E 54 -21.01 0.24 8.82
N LEU E 55 -21.09 1.46 9.35
CA LEU E 55 -20.15 2.50 8.94
C LEU E 55 -18.76 2.29 9.51
N SER E 56 -18.65 1.66 10.70
CA SER E 56 -17.34 1.30 11.21
C SER E 56 -16.68 0.20 10.38
N ILE E 57 -17.48 -0.65 9.73
CA ILE E 57 -16.91 -1.64 8.82
C ILE E 57 -16.18 -0.96 7.67
N LYS E 58 -16.76 0.12 7.13
CA LYS E 58 -16.22 0.75 5.93
C LYS E 58 -15.17 1.81 6.23
N VAL E 59 -15.47 2.75 7.15
CA VAL E 59 -14.58 3.90 7.36
C VAL E 59 -13.32 3.53 8.12
N ASN E 60 -13.24 2.34 8.70
CA ASN E 60 -12.07 1.90 9.44
C ASN E 60 -11.31 0.90 8.57
N ARG E 61 -10.04 1.22 8.28
CA ARG E 61 -9.23 0.35 7.44
C ARG E 61 -8.95 -0.98 8.11
N GLN E 62 -8.75 -0.98 9.43
CA GLN E 62 -8.48 -2.23 10.14
C GLN E 62 -9.71 -3.12 10.25
N LEU E 63 -10.90 -2.58 10.01
CA LEU E 63 -12.14 -3.35 10.04
C LEU E 63 -12.64 -3.70 8.65
N GLN E 64 -11.83 -3.46 7.61
CA GLN E 64 -12.18 -3.81 6.24
C GLN E 64 -11.69 -5.19 5.84
N THR E 65 -11.48 -6.09 6.81
CA THR E 65 -10.99 -7.43 6.50
C THR E 65 -12.04 -8.24 5.77
N VAL E 66 -11.59 -9.27 5.07
CA VAL E 66 -12.50 -10.17 4.36
C VAL E 66 -13.40 -10.93 5.32
N ASN E 67 -12.99 -11.10 6.57
CA ASN E 67 -13.82 -11.75 7.57
C ASN E 67 -14.95 -10.85 8.07
N ASN E 68 -14.77 -9.54 8.01
CA ASN E 68 -15.78 -8.60 8.50
C ASN E 68 -16.89 -8.35 7.49
N TYR E 69 -16.77 -8.87 6.27
CA TYR E 69 -17.87 -8.77 5.32
C TYR E 69 -19.11 -9.53 5.81
N PHE E 70 -18.91 -10.68 6.44
CA PHE E 70 -20.03 -11.41 7.00
C PHE E 70 -20.71 -10.63 8.11
N LEU E 71 -19.92 -9.98 8.97
CA LEU E 71 -20.50 -9.14 10.01
C LEU E 71 -21.25 -7.95 9.43
N PHE E 72 -20.72 -7.35 8.36
CA PHE E 72 -21.42 -6.26 7.69
C PHE E 72 -22.75 -6.73 7.10
N SER E 73 -22.76 -7.93 6.51
CA SER E 73 -24.00 -8.49 5.99
C SER E 73 -24.99 -8.77 7.12
N LEU E 74 -24.49 -9.23 8.26
CA LEU E 74 -25.36 -9.44 9.41
C LEU E 74 -25.97 -8.13 9.88
N ALA E 75 -25.18 -7.06 9.90
CA ALA E 75 -25.72 -5.74 10.23
C ALA E 75 -26.74 -5.27 9.20
N CYS E 76 -26.50 -5.58 7.92
CA CYS E 76 -27.46 -5.23 6.88
C CYS E 76 -28.78 -5.95 7.08
N ALA E 77 -28.74 -7.23 7.43
CA ALA E 77 -29.97 -7.94 7.76
C ALA E 77 -30.63 -7.35 9.00
N ASP E 78 -29.82 -7.00 10.00
CA ASP E 78 -30.35 -6.46 11.25
C ASP E 78 -31.04 -5.13 11.06
N LEU E 79 -30.53 -4.26 10.19
CA LEU E 79 -31.19 -2.96 9.99
C LEU E 79 -32.57 -3.17 9.37
N ILE E 80 -32.67 -4.04 8.37
CA ILE E 80 -33.94 -4.27 7.70
C ILE E 80 -34.90 -5.05 8.58
N ILE E 81 -34.38 -5.78 9.56
CA ILE E 81 -35.26 -6.38 10.57
C ILE E 81 -35.78 -5.29 11.51
N GLY E 82 -34.87 -4.55 12.14
CA GLY E 82 -35.26 -3.60 13.16
C GLY E 82 -36.14 -2.48 12.68
N ALA E 83 -35.81 -1.88 11.52
CA ALA E 83 -36.55 -0.74 11.04
C ALA E 83 -37.99 -1.09 10.68
N PHE E 84 -38.21 -2.25 10.07
CA PHE E 84 -39.51 -2.56 9.50
C PHE E 84 -40.29 -3.59 10.31
N SER E 85 -39.67 -4.75 10.57
CA SER E 85 -40.45 -5.91 10.99
C SER E 85 -41.07 -5.74 12.35
N MET E 86 -40.26 -5.50 13.39
CA MET E 86 -40.81 -5.45 14.74
C MET E 86 -41.70 -4.22 14.92
N ASN E 87 -41.40 -3.12 14.24
CA ASN E 87 -42.28 -1.96 14.30
C ASN E 87 -43.65 -2.23 13.69
N LEU E 88 -43.70 -2.84 12.50
CA LEU E 88 -45.00 -3.20 11.93
C LEU E 88 -45.71 -4.24 12.80
N TYR E 89 -44.95 -5.14 13.42
CA TYR E 89 -45.54 -6.10 14.35
C TYR E 89 -46.17 -5.42 15.55
N THR E 90 -45.50 -4.42 16.12
CA THR E 90 -46.11 -3.67 17.22
C THR E 90 -47.36 -2.92 16.77
N VAL E 91 -47.32 -2.33 15.56
CA VAL E 91 -48.52 -1.72 15.03
C VAL E 91 -49.65 -2.74 14.94
N TYR E 92 -49.34 -3.95 14.48
CA TYR E 92 -50.33 -5.03 14.44
C TYR E 92 -50.87 -5.38 15.82
N ILE E 93 -50.00 -5.46 16.82
CA ILE E 93 -50.37 -6.10 18.08
C ILE E 93 -50.86 -5.12 19.15
N ILE E 94 -50.66 -3.82 18.97
CA ILE E 94 -51.21 -2.87 19.94
C ILE E 94 -52.73 -2.92 19.92
N LYS E 95 -53.34 -3.19 18.77
CA LYS E 95 -54.78 -3.35 18.66
C LYS E 95 -55.22 -4.81 18.71
N GLY E 96 -54.28 -5.76 18.76
CA GLY E 96 -54.61 -7.17 18.75
C GLY E 96 -54.91 -7.75 17.39
N TYR E 97 -54.92 -6.93 16.34
CA TYR E 97 -55.22 -7.37 14.99
C TYR E 97 -54.75 -6.30 14.02
N TRP E 98 -54.77 -6.62 12.74
CA TRP E 98 -54.28 -5.70 11.72
C TRP E 98 -55.43 -4.84 11.22
N PRO E 99 -55.43 -3.53 11.49
CA PRO E 99 -56.53 -2.67 11.03
C PRO E 99 -56.29 -2.02 9.69
N LEU E 100 -55.05 -2.06 9.20
CA LEU E 100 -54.66 -1.31 8.01
C LEU E 100 -55.16 -1.98 6.73
N GLY E 101 -54.78 -3.24 6.51
CA GLY E 101 -55.19 -3.94 5.30
C GLY E 101 -54.46 -5.26 5.07
N ALA E 102 -55.20 -6.27 4.64
CA ALA E 102 -54.64 -7.61 4.48
C ALA E 102 -53.53 -7.67 3.44
N VAL E 103 -53.53 -6.77 2.47
CA VAL E 103 -52.46 -6.77 1.47
C VAL E 103 -51.12 -6.48 2.13
N VAL E 104 -51.13 -5.77 3.26
CA VAL E 104 -49.87 -5.49 3.95
C VAL E 104 -49.42 -6.73 4.74
N CYS E 105 -50.36 -7.51 5.26
CA CYS E 105 -50.02 -8.79 5.87
C CYS E 105 -49.48 -9.78 4.84
N ASP E 106 -50.00 -9.78 3.62
CA ASP E 106 -49.53 -10.72 2.62
C ASP E 106 -48.10 -10.41 2.17
N LEU E 107 -47.60 -9.21 2.48
CA LEU E 107 -46.23 -8.85 2.15
C LEU E 107 -45.29 -8.81 3.34
N TRP E 108 -45.80 -8.48 4.54
CA TRP E 108 -44.95 -8.41 5.71
C TRP E 108 -44.42 -9.78 6.10
N LEU E 109 -45.25 -10.83 5.98
CA LEU E 109 -44.79 -12.17 6.28
C LEU E 109 -43.65 -12.58 5.35
N ALA E 110 -43.75 -12.25 4.07
CA ALA E 110 -42.66 -12.54 3.14
C ALA E 110 -41.42 -11.71 3.49
N LEU E 111 -41.61 -10.44 3.85
CA LEU E 111 -40.46 -9.56 4.08
C LEU E 111 -39.73 -9.89 5.36
N ASP E 112 -40.45 -10.38 6.38
CA ASP E 112 -39.83 -10.60 7.68
C ASP E 112 -38.95 -11.85 7.69
N TYR E 113 -39.52 -12.99 7.30
CA TYR E 113 -38.80 -14.26 7.41
C TYR E 113 -37.57 -14.34 6.50
N VAL E 114 -37.64 -13.78 5.29
CA VAL E 114 -36.53 -13.90 4.36
C VAL E 114 -35.26 -13.28 4.93
N VAL E 115 -35.38 -12.29 5.80
CA VAL E 115 -34.22 -11.69 6.45
C VAL E 115 -34.00 -12.21 7.87
N SER E 116 -35.06 -12.61 8.59
CA SER E 116 -34.91 -13.23 9.89
C SER E 116 -34.20 -14.57 9.82
N ASN E 117 -34.38 -15.32 8.74
CA ASN E 117 -33.60 -16.53 8.53
C ASN E 117 -32.29 -16.25 7.79
N ALA E 118 -32.22 -15.14 7.05
CA ALA E 118 -30.94 -14.74 6.47
C ALA E 118 -29.93 -14.41 7.55
N SER E 119 -30.37 -13.75 8.62
CA SER E 119 -29.47 -13.49 9.74
C SER E 119 -29.00 -14.79 10.38
N VAL E 120 -29.89 -15.77 10.53
CA VAL E 120 -29.50 -17.05 11.10
C VAL E 120 -28.50 -17.77 10.20
N MET E 121 -28.75 -17.78 8.89
CA MET E 121 -27.82 -18.40 7.96
C MET E 121 -26.47 -17.70 7.96
N ASN E 122 -26.46 -16.37 8.05
CA ASN E 122 -25.19 -15.64 8.10
C ASN E 122 -24.44 -15.96 9.39
N LEU E 123 -25.14 -16.00 10.52
CA LEU E 123 -24.49 -16.30 11.78
C LEU E 123 -24.05 -17.75 11.87
N LEU E 124 -24.65 -18.64 11.07
CA LEU E 124 -24.21 -20.02 10.97
C LEU E 124 -23.00 -20.18 10.05
N ILE E 125 -22.98 -19.45 8.92
CA ILE E 125 -21.82 -19.51 8.05
C ILE E 125 -20.63 -18.82 8.69
N ILE E 126 -20.85 -17.83 9.56
CA ILE E 126 -19.74 -17.29 10.36
C ILE E 126 -19.20 -18.36 11.28
N SER E 127 -20.07 -19.20 11.84
CA SER E 127 -19.61 -20.31 12.67
C SER E 127 -18.78 -21.30 11.85
N PHE E 128 -19.23 -21.60 10.63
CA PHE E 128 -18.42 -22.44 9.74
C PHE E 128 -17.07 -21.81 9.45
N ASP E 129 -17.06 -20.50 9.18
CA ASP E 129 -15.81 -19.80 8.89
C ASP E 129 -14.86 -19.85 10.08
N ARG E 130 -15.38 -19.64 11.29
CA ARG E 130 -14.54 -19.68 12.48
C ARG E 130 -14.01 -21.09 12.73
N TYR E 131 -14.85 -22.12 12.55
CA TYR E 131 -14.38 -23.48 12.72
C TYR E 131 -13.31 -23.83 11.71
N PHE E 132 -13.46 -23.38 10.46
CA PHE E 132 -12.44 -23.66 9.46
C PHE E 132 -11.17 -22.87 9.70
N CYS E 133 -11.28 -21.68 10.29
CA CYS E 133 -10.08 -20.92 10.65
C CYS E 133 -9.38 -21.54 11.85
N VAL E 134 -10.12 -22.24 12.70
CA VAL E 134 -9.52 -22.84 13.88
C VAL E 134 -8.87 -24.18 13.54
N THR E 135 -9.65 -25.12 13.02
CA THR E 135 -9.13 -26.45 12.72
C THR E 135 -8.22 -26.48 11.50
N LYS E 136 -8.29 -25.47 10.62
CA LYS E 136 -7.41 -25.34 9.47
C LYS E 136 -6.84 -23.94 9.48
N PRO E 137 -5.88 -23.66 10.37
CA PRO E 137 -5.44 -22.28 10.58
C PRO E 137 -4.65 -21.70 9.40
N LEU E 138 -3.95 -22.55 8.66
CA LEU E 138 -3.06 -22.08 7.61
C LEU E 138 -3.54 -22.42 6.21
N THR E 139 -4.41 -23.42 6.05
CA THR E 139 -4.92 -23.75 4.73
C THR E 139 -6.17 -22.94 4.39
N TYR E 140 -7.14 -22.90 5.31
CA TYR E 140 -8.45 -22.33 4.97
C TYR E 140 -8.38 -20.84 4.63
N PRO E 141 -7.74 -19.97 5.43
CA PRO E 141 -7.70 -18.55 5.04
C PRO E 141 -7.01 -18.31 3.71
N ALA E 142 -6.00 -19.10 3.36
CA ALA E 142 -5.41 -19.00 2.02
C ALA E 142 -6.40 -19.46 0.95
N ARG E 143 -7.16 -20.51 1.24
CA ARG E 143 -8.07 -21.08 0.25
C ARG E 143 -9.28 -20.19 -0.04
N ARG E 144 -9.63 -19.30 0.88
CA ARG E 144 -10.79 -18.42 0.69
C ARG E 144 -10.33 -17.02 0.30
N THR E 145 -10.96 -16.48 -0.74
CA THR E 145 -10.67 -15.14 -1.25
C THR E 145 -11.94 -14.29 -1.17
N THR E 146 -11.87 -13.10 -1.75
CA THR E 146 -13.04 -12.22 -1.78
C THR E 146 -14.20 -12.86 -2.54
N LYS E 147 -13.93 -13.43 -3.72
CA LYS E 147 -14.97 -14.10 -4.47
C LYS E 147 -15.45 -15.38 -3.78
N MET E 148 -14.53 -16.13 -3.17
CA MET E 148 -14.92 -17.34 -2.45
C MET E 148 -15.82 -17.02 -1.28
N ALA E 149 -15.54 -15.93 -0.56
CA ALA E 149 -16.42 -15.53 0.53
C ALA E 149 -17.73 -14.95 0.02
N GLY E 150 -17.68 -14.23 -1.12
CA GLY E 150 -18.89 -13.65 -1.66
C GLY E 150 -19.89 -14.68 -2.17
N LEU E 151 -19.40 -15.72 -2.85
CA LEU E 151 -20.28 -16.74 -3.40
C LEU E 151 -21.02 -17.52 -2.32
N MET E 152 -20.58 -17.44 -1.06
CA MET E 152 -21.28 -18.05 0.05
C MET E 152 -22.05 -17.06 0.90
N ILE E 153 -21.56 -15.82 1.03
CA ILE E 153 -22.33 -14.78 1.71
C ILE E 153 -23.59 -14.44 0.93
N ALA E 154 -23.58 -14.65 -0.39
CA ALA E 154 -24.81 -14.52 -1.17
C ALA E 154 -25.62 -15.80 -1.15
N ALA E 155 -24.95 -16.95 -1.07
CA ALA E 155 -25.66 -18.23 -1.03
C ALA E 155 -26.50 -18.34 0.24
N ALA E 156 -25.95 -17.91 1.38
CA ALA E 156 -26.72 -17.91 2.61
C ALA E 156 -27.93 -16.99 2.54
N TRP E 157 -27.77 -15.83 1.91
CA TRP E 157 -28.90 -14.91 1.74
C TRP E 157 -29.98 -15.51 0.86
N VAL E 158 -29.58 -16.17 -0.24
CA VAL E 158 -30.56 -16.69 -1.19
C VAL E 158 -31.15 -18.03 -0.76
N LEU E 159 -30.53 -18.72 0.18
CA LEU E 159 -31.11 -19.97 0.67
C LEU E 159 -32.46 -19.72 1.32
N SER E 160 -32.55 -18.73 2.20
CA SER E 160 -33.82 -18.36 2.79
C SER E 160 -34.80 -17.85 1.75
N PHE E 161 -34.30 -17.10 0.76
CA PHE E 161 -35.17 -16.57 -0.29
C PHE E 161 -35.80 -17.68 -1.11
N VAL E 162 -35.05 -18.76 -1.36
CA VAL E 162 -35.58 -19.85 -2.15
C VAL E 162 -36.36 -20.85 -1.29
N LEU E 163 -36.18 -20.83 0.03
CA LEU E 163 -36.97 -21.72 0.90
C LEU E 163 -38.29 -21.10 1.34
N TRP E 164 -38.24 -19.96 2.02
CA TRP E 164 -39.42 -19.42 2.69
C TRP E 164 -40.21 -18.43 1.85
N ALA E 165 -39.56 -17.63 1.01
CA ALA E 165 -40.29 -16.62 0.24
C ALA E 165 -41.36 -17.23 -0.67
N PRO E 166 -41.12 -18.30 -1.44
CA PRO E 166 -42.24 -18.92 -2.17
C PRO E 166 -43.20 -19.65 -1.26
N ALA E 167 -42.72 -20.18 -0.13
CA ALA E 167 -43.57 -20.96 0.76
C ALA E 167 -44.67 -20.13 1.39
N ILE E 168 -44.53 -18.81 1.41
CA ILE E 168 -45.57 -17.94 1.95
C ILE E 168 -46.57 -17.53 0.88
N LEU E 169 -46.08 -17.17 -0.31
CA LEU E 169 -46.94 -16.60 -1.34
C LEU E 169 -47.53 -17.65 -2.27
N PHE E 170 -47.11 -18.92 -2.18
CA PHE E 170 -47.64 -19.95 -3.05
C PHE E 170 -48.47 -21.01 -2.32
N TRP E 171 -48.41 -21.06 -0.99
CA TRP E 171 -49.14 -22.09 -0.27
C TRP E 171 -50.64 -21.80 -0.28
N GLN E 172 -51.02 -20.52 -0.30
CA GLN E 172 -52.41 -20.16 -0.51
C GLN E 172 -52.82 -20.31 -1.97
N PHE E 173 -51.86 -20.37 -2.89
CA PHE E 173 -52.16 -20.56 -4.31
C PHE E 173 -52.40 -22.03 -4.63
N VAL E 174 -51.64 -22.93 -4.01
CA VAL E 174 -51.79 -24.35 -4.30
C VAL E 174 -53.17 -24.85 -3.87
N VAL E 175 -53.73 -24.33 -2.78
CA VAL E 175 -55.10 -24.62 -2.42
C VAL E 175 -56.09 -23.77 -3.21
N GLY E 176 -55.70 -22.55 -3.60
CA GLY E 176 -56.57 -21.66 -4.33
C GLY E 176 -57.42 -20.73 -3.49
N LYS E 177 -57.39 -20.89 -2.16
CA LYS E 177 -58.18 -20.09 -1.26
C LYS E 177 -57.31 -19.58 -0.11
N ARG E 178 -57.70 -18.45 0.45
CA ARG E 178 -56.95 -17.82 1.54
C ARG E 178 -57.16 -18.61 2.83
N THR E 179 -56.11 -18.70 3.65
CA THR E 179 -56.22 -19.37 4.94
C THR E 179 -56.21 -18.40 6.11
N VAL E 180 -55.65 -17.21 5.94
CA VAL E 180 -55.52 -16.24 7.03
C VAL E 180 -56.62 -15.19 6.92
N PRO E 181 -57.33 -14.88 7.99
CA PRO E 181 -58.37 -13.84 7.93
C PRO E 181 -57.78 -12.46 7.71
N ASP E 182 -58.65 -11.56 7.24
CA ASP E 182 -58.24 -10.17 7.01
C ASP E 182 -57.79 -9.49 8.30
N ASN E 183 -58.54 -9.66 9.38
CA ASN E 183 -58.16 -9.03 10.65
C ASN E 183 -56.94 -9.71 11.27
N GLN E 184 -56.77 -11.01 11.04
CA GLN E 184 -55.63 -11.72 11.58
C GLN E 184 -54.43 -11.60 10.65
N CYS E 185 -53.25 -11.94 11.17
CA CYS E 185 -52.00 -11.83 10.40
C CYS E 185 -51.06 -12.90 10.93
N PHE E 186 -50.94 -14.00 10.20
CA PHE E 186 -50.11 -15.13 10.63
C PHE E 186 -49.77 -15.99 9.41
N ILE E 187 -49.02 -17.06 9.66
CA ILE E 187 -48.48 -17.88 8.58
C ILE E 187 -49.58 -18.67 7.92
N GLN E 188 -49.56 -18.73 6.59
CA GLN E 188 -50.62 -19.42 5.85
C GLN E 188 -50.42 -20.94 5.85
N PHE E 189 -49.24 -21.41 6.22
CA PHE E 189 -49.01 -22.84 6.41
C PHE E 189 -48.51 -23.18 7.81
N LEU E 190 -48.94 -22.42 8.81
CA LEU E 190 -48.55 -22.68 10.19
C LEU E 190 -49.21 -23.94 10.76
N SER E 191 -50.36 -24.34 10.24
CA SER E 191 -51.16 -25.36 10.91
C SER E 191 -50.66 -26.77 10.61
N ASN E 192 -50.57 -27.14 9.33
CA ASN E 192 -50.27 -28.51 8.92
C ASN E 192 -48.90 -28.92 9.43
N PRO E 193 -48.80 -30.02 10.19
CA PRO E 193 -47.49 -30.38 10.78
C PRO E 193 -46.40 -30.61 9.74
N ALA E 194 -46.73 -31.23 8.60
CA ALA E 194 -45.72 -31.57 7.61
C ALA E 194 -45.08 -30.36 6.96
N VAL E 195 -45.76 -29.21 6.97
CA VAL E 195 -45.22 -28.00 6.37
C VAL E 195 -44.68 -27.02 7.41
N THR E 196 -45.20 -27.01 8.64
CA THR E 196 -44.63 -26.16 9.67
C THR E 196 -43.39 -26.76 10.33
N PHE E 197 -43.38 -28.07 10.59
CA PHE E 197 -42.15 -28.68 11.05
C PHE E 197 -41.10 -28.68 9.96
N GLY E 198 -41.53 -28.78 8.69
CA GLY E 198 -40.59 -28.70 7.59
C GLY E 198 -39.89 -27.36 7.49
N THR E 199 -40.63 -26.27 7.71
CA THR E 199 -40.02 -24.94 7.69
C THR E 199 -39.36 -24.57 9.01
N ALA E 200 -39.65 -25.30 10.09
CA ALA E 200 -38.99 -25.03 11.37
C ALA E 200 -37.67 -25.78 11.48
N ILE E 201 -37.59 -26.98 10.90
CA ILE E 201 -36.42 -27.82 11.09
C ILE E 201 -35.16 -27.14 10.53
N ALA E 202 -35.18 -26.81 9.23
CA ALA E 202 -34.00 -26.24 8.60
C ALA E 202 -33.74 -24.81 9.01
N ALA E 203 -34.71 -24.15 9.63
CA ALA E 203 -34.52 -22.77 10.07
C ALA E 203 -33.98 -22.67 11.49
N PHE E 204 -34.33 -23.61 12.37
CA PHE E 204 -33.91 -23.56 13.75
C PHE E 204 -33.06 -24.75 14.17
N TYR E 205 -33.56 -25.98 13.96
CA TYR E 205 -32.92 -27.13 14.60
C TYR E 205 -31.60 -27.48 13.95
N LEU E 206 -31.54 -27.47 12.62
CA LEU E 206 -30.27 -27.69 11.94
C LEU E 206 -29.23 -26.63 12.30
N PRO E 207 -29.54 -25.32 12.30
CA PRO E 207 -28.55 -24.36 12.78
C PRO E 207 -28.09 -24.63 14.21
N VAL E 208 -28.99 -25.01 15.11
CA VAL E 208 -28.59 -25.27 16.50
C VAL E 208 -27.68 -26.48 16.58
N VAL E 209 -28.09 -27.59 15.94
CA VAL E 209 -27.33 -28.83 16.05
C VAL E 209 -25.98 -28.70 15.35
N ILE E 210 -25.86 -27.84 14.33
CA ILE E 210 -24.57 -27.65 13.69
C ILE E 210 -23.70 -26.70 14.52
N MET E 211 -24.28 -25.58 14.98
CA MET E 211 -23.53 -24.59 15.72
C MET E 211 -23.02 -25.09 17.05
N THR E 212 -23.80 -25.90 17.77
CA THR E 212 -23.33 -26.39 19.06
C THR E 212 -22.09 -27.26 18.90
N VAL E 213 -22.10 -28.19 17.94
CA VAL E 213 -20.92 -29.04 17.76
C VAL E 213 -19.77 -28.24 17.17
N LEU E 214 -20.04 -27.26 16.31
CA LEU E 214 -18.97 -26.41 15.79
C LEU E 214 -18.28 -25.65 16.91
N TYR E 215 -19.05 -25.08 17.84
CA TYR E 215 -18.46 -24.36 18.96
C TYR E 215 -17.77 -25.29 19.95
N ILE E 216 -18.28 -26.50 20.15
CA ILE E 216 -17.57 -27.47 20.98
C ILE E 216 -16.21 -27.78 20.36
N HIS E 217 -16.18 -28.02 19.05
CA HIS E 217 -14.91 -28.29 18.38
C HIS E 217 -13.97 -27.09 18.48
N ILE E 218 -14.50 -25.88 18.31
CA ILE E 218 -13.67 -24.67 18.41
C ILE E 218 -13.08 -24.55 19.79
N SER E 219 -13.89 -24.74 20.84
CA SER E 219 -13.41 -24.63 22.21
C SER E 219 -12.36 -25.70 22.51
N LEU E 220 -12.58 -26.93 22.05
CA LEU E 220 -11.59 -27.98 22.29
C LEU E 220 -10.28 -27.70 21.55
N ALA E 221 -10.35 -27.18 20.33
CA ALA E 221 -9.13 -26.96 19.56
C ALA E 221 -8.43 -25.66 19.96
N SER E 222 -9.12 -24.77 20.67
CA SER E 222 -8.52 -23.51 21.08
C SER E 222 -7.59 -23.66 22.28
N ARG E 223 -7.53 -24.83 22.91
CA ARG E 223 -6.67 -25.01 24.07
C ARG E 223 -5.20 -24.91 23.68
N SER E 224 -4.80 -25.62 22.63
CA SER E 224 -3.41 -25.60 22.17
C SER E 224 -3.29 -24.84 20.86
N MET E 258 -2.14 -19.44 28.73
CA MET E 258 -2.86 -20.58 28.17
C MET E 258 -4.26 -20.70 28.76
N ALA E 259 -4.33 -20.70 30.09
CA ALA E 259 -5.61 -20.84 30.77
C ALA E 259 -6.51 -19.63 30.52
N ALA E 260 -5.93 -18.42 30.47
CA ALA E 260 -6.73 -17.22 30.29
C ALA E 260 -7.39 -17.20 28.90
N ARG E 261 -6.64 -17.54 27.85
CA ARG E 261 -7.20 -17.55 26.52
C ARG E 261 -8.32 -18.56 26.36
N GLU E 262 -8.12 -19.79 26.84
CA GLU E 262 -9.18 -20.79 26.77
C GLU E 262 -10.39 -20.37 27.60
N ARG E 263 -10.15 -19.81 28.79
CA ARG E 263 -11.25 -19.36 29.63
C ARG E 263 -12.08 -18.29 28.93
N LYS E 264 -11.41 -17.32 28.30
CA LYS E 264 -12.16 -16.24 27.66
C LYS E 264 -12.83 -16.72 26.37
N VAL E 265 -12.25 -17.73 25.71
CA VAL E 265 -12.89 -18.31 24.53
C VAL E 265 -14.18 -19.02 24.92
N THR E 266 -14.13 -19.82 26.00
CA THR E 266 -15.35 -20.46 26.47
C THR E 266 -16.36 -19.42 26.95
N ARG E 267 -15.90 -18.39 27.65
CA ARG E 267 -16.80 -17.34 28.12
C ARG E 267 -17.41 -16.54 26.96
N THR E 268 -16.77 -16.54 25.79
CA THR E 268 -17.30 -15.85 24.63
C THR E 268 -18.27 -16.72 23.85
N ILE E 269 -17.91 -17.99 23.63
CA ILE E 269 -18.83 -18.90 22.96
C ILE E 269 -20.07 -19.15 23.81
N PHE E 270 -19.96 -19.05 25.13
CA PHE E 270 -21.14 -19.14 25.99
C PHE E 270 -22.15 -18.06 25.63
N ALA E 271 -21.70 -16.79 25.62
CA ALA E 271 -22.57 -15.67 25.30
C ALA E 271 -22.97 -15.62 23.84
N ILE E 272 -22.23 -16.28 22.95
CA ILE E 272 -22.65 -16.33 21.55
C ILE E 272 -23.72 -17.39 21.35
N LEU E 273 -23.51 -18.59 21.89
CA LEU E 273 -24.41 -19.71 21.63
C LEU E 273 -25.68 -19.62 22.48
N LEU E 274 -25.55 -19.53 23.79
CA LEU E 274 -26.75 -19.60 24.62
C LEU E 274 -27.61 -18.35 24.51
N ALA E 275 -27.07 -17.21 24.08
CA ALA E 275 -27.92 -16.06 23.78
C ALA E 275 -28.83 -16.33 22.59
N PHE E 276 -28.35 -17.08 21.60
CA PHE E 276 -29.21 -17.53 20.51
C PHE E 276 -30.18 -18.61 20.97
N ILE E 277 -29.72 -19.49 21.87
CA ILE E 277 -30.57 -20.57 22.35
C ILE E 277 -31.76 -20.01 23.13
N LEU E 278 -31.51 -19.13 24.09
CA LEU E 278 -32.57 -18.60 24.94
C LEU E 278 -33.43 -17.56 24.23
N THR E 279 -33.13 -17.27 22.96
CA THR E 279 -33.94 -16.32 22.20
C THR E 279 -34.58 -16.98 20.98
N TRP E 280 -34.25 -18.23 20.69
CA TRP E 280 -34.91 -18.93 19.61
C TRP E 280 -35.53 -20.25 20.01
N THR E 281 -35.33 -20.69 21.26
CA THR E 281 -36.03 -21.91 21.67
C THR E 281 -37.47 -21.66 22.09
N PRO E 282 -37.80 -20.64 22.90
CA PRO E 282 -39.21 -20.47 23.29
C PRO E 282 -40.12 -20.20 22.10
N TYR E 283 -39.70 -19.33 21.18
CA TYR E 283 -40.49 -19.05 20.00
C TYR E 283 -40.69 -20.28 19.13
N ASN E 284 -39.64 -21.07 18.91
CA ASN E 284 -39.76 -22.22 18.02
C ASN E 284 -40.55 -23.36 18.66
N VAL E 285 -40.39 -23.57 19.96
CA VAL E 285 -41.24 -24.55 20.62
C VAL E 285 -42.69 -24.10 20.63
N MET E 286 -42.98 -22.80 20.76
CA MET E 286 -44.36 -22.36 20.63
C MET E 286 -44.87 -22.55 19.19
N VAL E 287 -43.99 -22.34 18.20
CA VAL E 287 -44.37 -22.61 16.82
C VAL E 287 -44.77 -24.07 16.66
N LEU E 288 -44.00 -24.99 17.23
CA LEU E 288 -44.36 -26.40 17.17
C LEU E 288 -45.59 -26.75 18.00
N VAL E 289 -45.84 -26.01 19.08
CA VAL E 289 -47.00 -26.29 19.93
C VAL E 289 -48.30 -25.76 19.36
N ASN E 290 -48.26 -24.69 18.56
CA ASN E 290 -49.47 -24.10 17.98
C ASN E 290 -49.97 -24.86 16.77
N THR E 291 -49.59 -26.13 16.64
CA THR E 291 -49.90 -26.91 15.45
C THR E 291 -51.26 -27.59 15.51
N PHE E 292 -51.60 -28.25 16.62
CA PHE E 292 -52.83 -29.04 16.67
C PHE E 292 -53.56 -28.86 18.01
N CYS E 293 -53.39 -27.71 18.66
CA CYS E 293 -54.18 -27.45 19.85
C CYS E 293 -55.13 -26.28 19.63
N GLN E 294 -54.57 -25.11 19.30
CA GLN E 294 -55.33 -23.89 19.03
C GLN E 294 -56.17 -23.46 20.24
N SER E 295 -56.05 -24.20 21.34
CA SER E 295 -56.70 -23.86 22.59
C SER E 295 -55.74 -24.12 23.74
N CYS E 296 -54.65 -24.82 23.45
CA CYS E 296 -53.69 -25.21 24.48
C CYS E 296 -53.05 -23.99 25.12
N ILE E 297 -52.73 -22.97 24.33
CA ILE E 297 -52.04 -21.78 24.82
C ILE E 297 -52.91 -20.56 24.54
N PRO E 298 -52.85 -19.52 25.37
CA PRO E 298 -53.48 -18.25 24.99
C PRO E 298 -52.80 -17.64 23.78
N ASP E 299 -53.61 -16.94 22.98
CA ASP E 299 -53.10 -16.35 21.74
C ASP E 299 -52.24 -15.11 21.98
N THR E 300 -52.23 -14.57 23.21
CA THR E 300 -51.36 -13.45 23.51
C THR E 300 -49.94 -13.91 23.82
N VAL E 301 -49.77 -15.20 24.13
CA VAL E 301 -48.43 -15.74 24.37
C VAL E 301 -47.59 -15.66 23.09
N TRP E 302 -48.23 -15.82 21.94
CA TRP E 302 -47.54 -15.61 20.67
C TRP E 302 -47.00 -14.19 20.57
N SER E 303 -47.81 -13.21 20.93
CA SER E 303 -47.36 -11.82 20.90
C SER E 303 -46.22 -11.59 21.88
N ILE E 304 -46.31 -12.17 23.08
CA ILE E 304 -45.26 -11.97 24.07
C ILE E 304 -43.95 -12.61 23.61
N GLY E 305 -44.01 -13.83 23.10
CA GLY E 305 -42.82 -14.57 22.69
C GLY E 305 -42.30 -14.29 21.31
N TYR E 306 -42.98 -13.48 20.51
CA TYR E 306 -42.49 -13.11 19.18
C TYR E 306 -41.43 -12.01 19.26
N TRP E 307 -40.94 -11.70 20.46
CA TRP E 307 -39.93 -10.67 20.67
C TRP E 307 -38.51 -11.23 20.68
N LEU E 308 -38.33 -12.46 21.14
CA LEU E 308 -37.02 -13.04 21.41
C LEU E 308 -36.15 -13.14 20.17
N CYS E 309 -36.72 -13.47 19.01
CA CYS E 309 -35.96 -13.39 17.77
C CYS E 309 -35.41 -11.99 17.55
N TYR E 310 -36.21 -10.95 17.78
CA TYR E 310 -35.76 -9.59 17.60
C TYR E 310 -34.76 -9.15 18.66
N VAL E 311 -34.89 -9.63 19.91
CA VAL E 311 -33.88 -9.27 20.90
C VAL E 311 -32.56 -9.95 20.56
N ASN E 312 -32.60 -11.16 20.00
CA ASN E 312 -31.37 -11.77 19.49
C ASN E 312 -30.79 -10.95 18.35
N SER E 313 -31.64 -10.50 17.43
CA SER E 313 -31.17 -9.69 16.30
C SER E 313 -30.56 -8.38 16.78
N THR E 314 -31.05 -7.83 17.88
CA THR E 314 -30.50 -6.56 18.36
C THR E 314 -29.29 -6.74 19.27
N ILE E 315 -29.13 -7.89 19.91
CA ILE E 315 -27.92 -8.15 20.68
C ILE E 315 -26.81 -8.73 19.82
N ASN E 316 -27.11 -9.18 18.60
CA ASN E 316 -26.07 -9.63 17.69
C ASN E 316 -25.05 -8.53 17.41
N PRO E 317 -25.46 -7.28 17.14
CA PRO E 317 -24.44 -6.21 17.04
C PRO E 317 -23.61 -6.07 18.30
N ALA E 318 -24.24 -6.14 19.48
CA ALA E 318 -23.51 -6.08 20.73
C ALA E 318 -22.61 -7.29 20.96
N CYS E 319 -23.08 -8.49 20.64
CA CYS E 319 -22.29 -9.69 20.88
C CYS E 319 -21.05 -9.74 19.99
N TYR E 320 -21.07 -9.01 18.87
CA TYR E 320 -19.89 -8.94 18.00
C TYR E 320 -19.14 -7.62 18.10
N ALA E 321 -19.66 -6.65 18.86
CA ALA E 321 -18.92 -5.42 19.09
C ALA E 321 -18.17 -5.45 20.41
N LEU E 322 -18.79 -5.99 21.46
CA LEU E 322 -18.13 -6.09 22.76
C LEU E 322 -16.92 -7.02 22.73
N CYS E 323 -16.96 -8.07 21.91
CA CYS E 323 -15.86 -9.04 21.86
C CYS E 323 -14.58 -8.39 21.35
N ASN E 324 -14.71 -7.53 20.33
CA ASN E 324 -13.56 -6.92 19.68
C ASN E 324 -13.26 -5.57 20.34
N ALA E 325 -12.01 -5.39 20.78
CA ALA E 325 -11.64 -4.13 21.42
C ALA E 325 -11.61 -2.97 20.42
N THR E 326 -11.13 -3.20 19.21
CA THR E 326 -11.09 -2.13 18.21
C THR E 326 -12.49 -1.67 17.80
N PHE E 327 -13.50 -2.55 17.87
CA PHE E 327 -14.87 -2.10 17.64
C PHE E 327 -15.30 -1.12 18.72
N LYS E 328 -14.95 -1.39 19.98
CA LYS E 328 -15.23 -0.43 21.04
C LYS E 328 -14.47 0.86 20.83
N LYS E 329 -13.21 0.78 20.38
CA LYS E 329 -12.42 1.99 20.14
C LYS E 329 -13.03 2.83 19.03
N THR E 330 -13.47 2.20 17.94
CA THR E 330 -14.06 2.97 16.85
C THR E 330 -15.45 3.50 17.21
N PHE E 331 -16.22 2.78 18.03
CA PHE E 331 -17.48 3.34 18.52
C PHE E 331 -17.23 4.54 19.42
N ARG E 332 -16.21 4.49 20.28
CA ARG E 332 -15.84 5.65 21.08
C ARG E 332 -15.41 6.82 20.19
N HIS E 333 -14.65 6.54 19.12
CA HIS E 333 -14.25 7.59 18.20
C HIS E 333 -15.47 8.22 17.53
N LEU E 334 -16.43 7.40 17.09
CA LEU E 334 -17.62 7.92 16.45
C LEU E 334 -18.45 8.78 17.41
N LEU E 335 -18.63 8.32 18.65
CA LEU E 335 -19.40 9.12 19.60
C LEU E 335 -18.67 10.38 20.05
N LEU E 336 -17.34 10.36 20.04
CA LEU E 336 -16.59 11.59 20.32
C LEU E 336 -16.71 12.58 19.17
N CYS E 337 -16.64 12.09 17.93
CA CYS E 337 -16.79 12.96 16.77
C CYS E 337 -18.18 13.57 16.72
N GLN E 338 -19.20 12.76 16.99
CA GLN E 338 -20.60 13.18 16.97
C GLN E 338 -20.98 13.80 15.62
#